data_1DCR
# 
_entry.id   1DCR 
# 
_audit_conform.dict_name       mmcif_pdbx.dic 
_audit_conform.dict_version    5.375 
_audit_conform.dict_location   http://mmcif.pdb.org/dictionaries/ascii/mmcif_pdbx.dic 
# 
loop_
_database_2.database_id 
_database_2.database_code 
_database_2.pdbx_database_accession 
_database_2.pdbx_DOI 
PDB   1DCR         pdb_00001dcr 10.2210/pdb1dcr/pdb 
NDB   BD0027       ?            ?                   
RCSB  RCSB009974   ?            ?                   
WWPDB D_1000009974 ?            ?                   
# 
loop_
_pdbx_database_related.db_name 
_pdbx_database_related.db_id 
_pdbx_database_related.details 
_pdbx_database_related.content_type 
PDB 1D9R . unspecified 
PDB 1D8X . unspecified 
# 
_pdbx_database_status.status_code                     REL 
_pdbx_database_status.entry_id                        1DCR 
_pdbx_database_status.recvd_initial_deposition_date   1999-11-05 
_pdbx_database_status.deposit_site                    RCSB 
_pdbx_database_status.process_site                    RCSB 
_pdbx_database_status.status_code_sf                  REL 
_pdbx_database_status.SG_entry                        . 
_pdbx_database_status.pdb_format_compatible           Y 
_pdbx_database_status.status_code_mr                  ? 
_pdbx_database_status.status_code_cs                  ? 
_pdbx_database_status.methods_development_category    ? 
_pdbx_database_status.status_code_nmr_data            ? 
# 
loop_
_audit_author.name 
_audit_author.pdbx_ordinal 
'Gao, Y.-G.'     1 
'Robinson, H.'   2 
'Sanishvili, R.' 3 
'Joachimiak, A.' 4 
'Wang, A.H.-J.'  5 
# 
_citation.id                        primary 
_citation.title                     
'Structure and recognition of sheared tandem G x A base pairs associated with human centromere DNA sequence at atomic resolution.' 
_citation.journal_abbrev            Biochemistry 
_citation.journal_volume            38 
_citation.page_first                16452 
_citation.page_last                 16460 
_citation.year                      1999 
_citation.journal_id_ASTM           BICHAW 
_citation.country                   US 
_citation.journal_id_ISSN           0006-2960 
_citation.journal_id_CSD            0033 
_citation.book_publisher            ? 
_citation.pdbx_database_id_PubMed   10600106 
_citation.pdbx_database_id_DOI      10.1021/bi9914614 
# 
loop_
_citation_author.citation_id 
_citation_author.name 
_citation_author.ordinal 
_citation_author.identifier_ORCID 
primary 'Gao, Y.G.'      1 ? 
primary 'Robinson, H.'   2 ? 
primary 'Sanishvili, R.' 3 ? 
primary 'Joachimiak, A.' 4 ? 
primary 'Wang, A.H.'     5 ? 
# 
_cell.entry_id           1DCR 
_cell.length_a           20.950 
_cell.length_b           61.860 
_cell.length_c           68.490 
_cell.angle_alpha        90.00 
_cell.angle_beta         90.00 
_cell.angle_gamma        90.00 
_cell.Z_PDB              16 
_cell.pdbx_unique_axis   ? 
# 
_symmetry.entry_id                         1DCR 
_symmetry.space_group_name_H-M             'C 2 2 21' 
_symmetry.pdbx_full_space_group_name_H-M   ? 
_symmetry.cell_setting                     orthorhombic 
_symmetry.Int_Tables_number                20 
# 
loop_
_entity.id 
_entity.type 
_entity.src_method 
_entity.pdbx_description 
_entity.formula_weight 
_entity.pdbx_number_of_molecules 
_entity.pdbx_ec 
_entity.pdbx_mutation 
_entity.pdbx_fragment 
_entity.details 
1 polymer     syn "5'-D(*CP*CP*GP*AP*AP*(BRU)P*GP*AP*GP*G)-3'" 3158.913 2  ? ? ? ? 
2 non-polymer syn SPERMINE                                     202.340  1  ? ? ? ? 
3 non-polymer syn 'MAGNESIUM ION'                              24.305   3  ? ? ? ? 
4 non-polymer syn 'SODIUM ION'                                 22.990   1  ? ? ? ? 
5 water       nat water                                        18.015   87 ? ? ? ? 
# 
_entity_poly.entity_id                      1 
_entity_poly.type                           polydeoxyribonucleotide 
_entity_poly.nstd_linkage                   no 
_entity_poly.nstd_monomer                   yes 
_entity_poly.pdbx_seq_one_letter_code       '(DC)(DC)(DG)(DA)(DA)(BRU)(DG)(DA)(DG)(DG)' 
_entity_poly.pdbx_seq_one_letter_code_can   CCGAAUGAGG 
_entity_poly.pdbx_strand_id                 A,B 
_entity_poly.pdbx_target_identifier         ? 
# 
loop_
_entity_poly_seq.entity_id 
_entity_poly_seq.num 
_entity_poly_seq.mon_id 
_entity_poly_seq.hetero 
1 1  DC  n 
1 2  DC  n 
1 3  DG  n 
1 4  DA  n 
1 5  DA  n 
1 6  BRU n 
1 7  DG  n 
1 8  DA  n 
1 9  DG  n 
1 10 DG  n 
# 
_struct_ref.id                         1 
_struct_ref.entity_id                  1 
_struct_ref.db_name                    PDB 
_struct_ref.db_code                    1DCR 
_struct_ref.pdbx_db_accession          1DCR 
_struct_ref.pdbx_db_isoform            ? 
_struct_ref.pdbx_seq_one_letter_code   ? 
_struct_ref.pdbx_align_begin           ? 
# 
loop_
_struct_ref_seq.align_id 
_struct_ref_seq.ref_id 
_struct_ref_seq.pdbx_PDB_id_code 
_struct_ref_seq.pdbx_strand_id 
_struct_ref_seq.seq_align_beg 
_struct_ref_seq.pdbx_seq_align_beg_ins_code 
_struct_ref_seq.seq_align_end 
_struct_ref_seq.pdbx_seq_align_end_ins_code 
_struct_ref_seq.pdbx_db_accession 
_struct_ref_seq.db_align_beg 
_struct_ref_seq.pdbx_db_align_beg_ins_code 
_struct_ref_seq.db_align_end 
_struct_ref_seq.pdbx_db_align_end_ins_code 
_struct_ref_seq.pdbx_auth_seq_align_beg 
_struct_ref_seq.pdbx_auth_seq_align_end 
1 1 1DCR A 1 ? 10 ? 1DCR 1  ? 10 ? 1  10 
2 1 1DCR B 1 ? 10 ? 1DCR 11 ? 20 ? 11 20 
# 
loop_
_chem_comp.id 
_chem_comp.type 
_chem_comp.mon_nstd_flag 
_chem_comp.name 
_chem_comp.pdbx_synonyms 
_chem_comp.formula 
_chem_comp.formula_weight 
BRU 'DNA linking' n "5-BROMO-2'-DEOXYURIDINE-5'-MONOPHOSPHATE" ? 'C9 H12 Br N2 O8 P' 387.078 
DA  'DNA linking' y "2'-DEOXYADENOSINE-5'-MONOPHOSPHATE"       ? 'C10 H14 N5 O6 P'   331.222 
DC  'DNA linking' y "2'-DEOXYCYTIDINE-5'-MONOPHOSPHATE"        ? 'C9 H14 N3 O7 P'    307.197 
DG  'DNA linking' y "2'-DEOXYGUANOSINE-5'-MONOPHOSPHATE"       ? 'C10 H14 N5 O7 P'   347.221 
HOH non-polymer   . WATER                                      ? 'H2 O'              18.015  
MG  non-polymer   . 'MAGNESIUM ION'                            ? 'Mg 2'              24.305  
NA  non-polymer   . 'SODIUM ION'                               ? 'Na 1'              22.990  
SPM non-polymer   . SPERMINE                                   ? 'C10 H26 N4'        202.340 
# 
_exptl.entry_id          1DCR 
_exptl.method            'X-RAY DIFFRACTION' 
_exptl.crystals_number   1 
# 
_exptl_crystal.id                    1 
_exptl_crystal.density_meas          ? 
_exptl_crystal.density_Matthews      1.76 
_exptl_crystal.density_percent_sol   29.96 
_exptl_crystal.description           ? 
# 
_exptl_crystal_grow.crystal_id      1 
_exptl_crystal_grow.method          'VAPOR DIFFUSION, SITTING DROP' 
_exptl_crystal_grow.temp            298 
_exptl_crystal_grow.temp_details    ? 
_exptl_crystal_grow.pH              7.5 
_exptl_crystal_grow.pdbx_details    'MPD, MGCL2, TRIS, SPERMINE, pH 7.5, VAPOR DIFFUSION, SITTING DROP, temperature 298K' 
_exptl_crystal_grow.pdbx_pH_range   ? 
# 
loop_
_exptl_crystal_grow_comp.crystal_id 
_exptl_crystal_grow_comp.id 
_exptl_crystal_grow_comp.sol_id 
_exptl_crystal_grow_comp.name 
_exptl_crystal_grow_comp.volume 
_exptl_crystal_grow_comp.conc 
_exptl_crystal_grow_comp.details 
1 1 1 SPERMINE ? ? ? 
1 2 1 MGCL2    ? ? ? 
1 3 1 TRIS     ? ? ? 
1 4 1 MPD      ? ? ? 
1 5 2 MPD      ? ? ? 
# 
_diffrn.id                     1 
_diffrn.ambient_temp           298 
_diffrn.ambient_temp_details   ? 
_diffrn.crystal_id             1 
# 
_diffrn_detector.diffrn_id              1 
_diffrn_detector.detector               'IMAGE PLATE' 
_diffrn_detector.type                   'RIGAKU RAXIS IIC' 
_diffrn_detector.pdbx_collection_date   1996-06-17 
_diffrn_detector.details                ? 
# 
_diffrn_radiation.diffrn_id                        1 
_diffrn_radiation.wavelength_id                    1 
_diffrn_radiation.pdbx_monochromatic_or_laue_m_l   M 
_diffrn_radiation.monochromator                    ? 
_diffrn_radiation.pdbx_diffrn_protocol             'SINGLE WAVELENGTH' 
_diffrn_radiation.pdbx_scattering_type             x-ray 
# 
_diffrn_radiation_wavelength.id           1 
_diffrn_radiation_wavelength.wavelength   1.5418 
_diffrn_radiation_wavelength.wt           1.0 
# 
_diffrn_source.diffrn_id                   1 
_diffrn_source.source                      'ROTATING ANODE' 
_diffrn_source.type                        'RIGAKU RU200' 
_diffrn_source.pdbx_synchrotron_site       ? 
_diffrn_source.pdbx_synchrotron_beamline   ? 
_diffrn_source.pdbx_wavelength             1.5418 
_diffrn_source.pdbx_wavelength_list        ? 
# 
_reflns.entry_id                     1DCR 
_reflns.observed_criterion_sigma_I   0 
_reflns.observed_criterion_sigma_F   0 
_reflns.d_resolution_low             20.0 
_reflns.d_resolution_high            1.60 
_reflns.number_obs                   5771 
_reflns.number_all                   5771 
_reflns.percent_possible_obs         94.8 
_reflns.pdbx_Rmerge_I_obs            0.075 
_reflns.pdbx_Rsym_value              ? 
_reflns.pdbx_netI_over_sigmaI        19.2 
_reflns.B_iso_Wilson_estimate        32.7 
_reflns.pdbx_redundancy              2.61 
_reflns.pdbx_diffrn_id               1 
_reflns.pdbx_ordinal                 1 
# 
_reflns_shell.d_res_high             1.60 
_reflns_shell.d_res_low              1.66 
_reflns_shell.percent_possible_all   93.7 
_reflns_shell.Rmerge_I_obs           0.445 
_reflns_shell.pdbx_Rsym_value        ? 
_reflns_shell.meanI_over_sigI_obs    3.80 
_reflns_shell.pdbx_redundancy        2.10 
_reflns_shell.pdbx_diffrn_id         ? 
_reflns_shell.pdbx_ordinal           1 
# 
_refine.entry_id                                 1DCR 
_refine.ls_number_reflns_obs                     5409 
_refine.ls_number_reflns_all                     5771 
_refine.pdbx_ls_sigma_I                          0.0 
_refine.pdbx_ls_sigma_F                          0.0 
_refine.pdbx_data_cutoff_high_absF               ? 
_refine.pdbx_data_cutoff_low_absF                ? 
_refine.pdbx_data_cutoff_high_rms_absF           ? 
_refine.ls_d_res_low                             20.0 
_refine.ls_d_res_high                            1.60 
_refine.ls_percent_reflns_obs                    98.4 
_refine.ls_R_factor_obs                          0.191 
_refine.ls_R_factor_all                          0.196 
_refine.ls_R_factor_R_work                       ? 
_refine.ls_R_factor_R_free                       0.266 
_refine.ls_R_factor_R_free_error                 ? 
_refine.ls_R_factor_R_free_error_details         ? 
_refine.ls_percent_reflns_R_free                 5 
_refine.ls_number_reflns_R_free                  291 
_refine.ls_number_parameters                     2055 
_refine.ls_number_restraints                     1837 
_refine.occupancy_min                            ? 
_refine.occupancy_max                            ? 
_refine.B_iso_mean                               ? 
_refine.aniso_B[1][1]                            ? 
_refine.aniso_B[2][2]                            ? 
_refine.aniso_B[3][3]                            ? 
_refine.aniso_B[1][2]                            ? 
_refine.aniso_B[1][3]                            ? 
_refine.aniso_B[2][3]                            ? 
_refine.solvent_model_details                    'SHELX-97 OPTIONS SWAT' 
_refine.solvent_model_param_ksol                 ? 
_refine.solvent_model_param_bsol                 ? 
_refine.pdbx_ls_cross_valid_method               THROUGHOUT 
_refine.details                                  'SHELX-97 OPTIONS HOPE' 
_refine.pdbx_starting_model                      'PDB STRUCTURE 1D9R' 
_refine.pdbx_method_to_determine_struct          'MOLECULAR REPLACEMENT' 
_refine.pdbx_isotropic_thermal_model             ? 
_refine.pdbx_stereochemistry_target_values       'PARKINSON ET AL.' 
_refine.pdbx_stereochem_target_val_spec_case     ? 
_refine.pdbx_R_Free_selection_details            RANDOM 
_refine.pdbx_overall_ESU_R                       ? 
_refine.pdbx_overall_ESU_R_Free                  ? 
_refine.overall_SU_ML                            ? 
_refine.overall_SU_B                             ? 
_refine.pdbx_refine_id                           'X-RAY DIFFRACTION' 
_refine.pdbx_diffrn_id                           1 
_refine.pdbx_TLS_residual_ADP_flag               ? 
_refine.correlation_coeff_Fo_to_Fc               ? 
_refine.correlation_coeff_Fo_to_Fc_free          ? 
_refine.pdbx_solvent_vdw_probe_radii             ? 
_refine.pdbx_solvent_ion_probe_radii             ? 
_refine.pdbx_solvent_shrinkage_radii             ? 
_refine.pdbx_overall_phase_error                 ? 
_refine.overall_SU_R_Cruickshank_DPI             ? 
_refine.pdbx_overall_SU_R_free_Cruickshank_DPI   ? 
_refine.pdbx_overall_SU_R_Blow_DPI               ? 
_refine.pdbx_overall_SU_R_free_Blow_DPI          ? 
# 
_refine_hist.pdbx_refine_id                   'X-RAY DIFFRACTION' 
_refine_hist.cycle_id                         LAST 
_refine_hist.pdbx_number_atoms_protein        0 
_refine_hist.pdbx_number_atoms_nucleic_acid   412 
_refine_hist.pdbx_number_atoms_ligand         34 
_refine_hist.number_atoms_solvent             77 
_refine_hist.number_atoms_total               523 
_refine_hist.d_res_high                       1.60 
_refine_hist.d_res_low                        20.0 
# 
loop_
_refine_ls_restr.type 
_refine_ls_restr.dev_ideal 
_refine_ls_restr.dev_ideal_target 
_refine_ls_restr.weight 
_refine_ls_restr.number 
_refine_ls_restr.pdbx_refine_id 
_refine_ls_restr.pdbx_restraint_function 
s_bond_d               0.009 ? ? ? 'X-RAY DIFFRACTION' ? 
s_angle_d              0.025 ? ? ? 'X-RAY DIFFRACTION' ? 
s_similar_dist         ?     ? ? ? 'X-RAY DIFFRACTION' ? 
s_from_restr_planes    0.067 ? ? ? 'X-RAY DIFFRACTION' ? 
s_zero_chiral_vol      ?     ? ? ? 'X-RAY DIFFRACTION' ? 
s_non_zero_chiral_vol  ?     ? ? ? 'X-RAY DIFFRACTION' ? 
s_anti_bump_dis_restr  0.072 ? ? ? 'X-RAY DIFFRACTION' ? 
s_rigid_bond_adp_cmpnt ?     ? ? ? 'X-RAY DIFFRACTION' ? 
s_similar_adp_cmpnt    0.066 ? ? ? 'X-RAY DIFFRACTION' ? 
s_approx_iso_adps      ?     ? ? ? 'X-RAY DIFFRACTION' ? 
# 
_pdbx_refine.entry_id                                    1DCR 
_pdbx_refine.R_factor_all_no_cutoff                      ? 
_pdbx_refine.R_factor_obs_no_cutoff                      ? 
_pdbx_refine.free_R_factor_no_cutoff                     ? 
_pdbx_refine.free_R_val_test_set_size_perc_no_cutoff     ? 
_pdbx_refine.free_R_val_test_set_ct_no_cutoff            ? 
_pdbx_refine.R_factor_all_4sig_cutoff                    0.192 
_pdbx_refine.R_factor_obs_4sig_cutoff                    0.187 
_pdbx_refine.free_R_factor_4sig_cutoff                   0.261 
_pdbx_refine.free_R_val_test_set_size_perc_4sig_cutoff   5 
_pdbx_refine.free_R_val_test_set_ct_4sig_cutoff          278 
_pdbx_refine.number_reflns_obs_4sig_cutoff               5409 
_pdbx_refine.pdbx_refine_id                              'X-RAY DIFFRACTION' 
_pdbx_refine.free_R_error_no_cutoff                      ? 
# 
_struct.entry_id                  1DCR 
_struct.title                     'CRYSTAL STRUCTURE OF DNA SHEARED TANDEM G-A BASE PAIRS' 
_struct.pdbx_model_details        ? 
_struct.pdbx_CASP_flag            ? 
_struct.pdbx_model_type_details   ? 
# 
_struct_keywords.entry_id        1DCR 
_struct_keywords.pdbx_keywords   DNA 
_struct_keywords.text            'TANDEM GA BASE PAIRS, GA MISMATCH, DEOXYRIBONUCLEIC ACID, DNA' 
# 
loop_
_struct_asym.id 
_struct_asym.pdbx_blank_PDB_chainid_flag 
_struct_asym.pdbx_modified 
_struct_asym.entity_id 
_struct_asym.details 
A N N 1 ? 
B N N 1 ? 
C N N 2 ? 
D N N 3 ? 
E N N 3 ? 
F N N 4 ? 
G N N 3 ? 
H N N 5 ? 
I N N 5 ? 
# 
_struct_biol.id   1 
# 
loop_
_struct_conn.id 
_struct_conn.conn_type_id 
_struct_conn.pdbx_leaving_atom_flag 
_struct_conn.pdbx_PDB_id 
_struct_conn.ptnr1_label_asym_id 
_struct_conn.ptnr1_label_comp_id 
_struct_conn.ptnr1_label_seq_id 
_struct_conn.ptnr1_label_atom_id 
_struct_conn.pdbx_ptnr1_label_alt_id 
_struct_conn.pdbx_ptnr1_PDB_ins_code 
_struct_conn.pdbx_ptnr1_standard_comp_id 
_struct_conn.ptnr1_symmetry 
_struct_conn.ptnr2_label_asym_id 
_struct_conn.ptnr2_label_comp_id 
_struct_conn.ptnr2_label_seq_id 
_struct_conn.ptnr2_label_atom_id 
_struct_conn.pdbx_ptnr2_label_alt_id 
_struct_conn.pdbx_ptnr2_PDB_ins_code 
_struct_conn.ptnr1_auth_asym_id 
_struct_conn.ptnr1_auth_comp_id 
_struct_conn.ptnr1_auth_seq_id 
_struct_conn.ptnr2_auth_asym_id 
_struct_conn.ptnr2_auth_comp_id 
_struct_conn.ptnr2_auth_seq_id 
_struct_conn.ptnr2_symmetry 
_struct_conn.pdbx_ptnr3_label_atom_id 
_struct_conn.pdbx_ptnr3_label_seq_id 
_struct_conn.pdbx_ptnr3_label_comp_id 
_struct_conn.pdbx_ptnr3_label_asym_id 
_struct_conn.pdbx_ptnr3_label_alt_id 
_struct_conn.pdbx_ptnr3_PDB_ins_code 
_struct_conn.details 
_struct_conn.pdbx_dist_value 
_struct_conn.pdbx_value_order 
_struct_conn.pdbx_role 
covale1  covale both ? A DA  5  "O3'" ? ? ? 1_555 A BRU 6 P  ? ? A DA  5  A BRU 6    1_555 ? ? ? ? ? ? ?            1.609 ? ? 
covale2  covale both ? A BRU 6  "O3'" ? ? ? 1_555 A DG  7 P  ? ? A BRU 6  A DG  7    1_555 ? ? ? ? ? ? ?            1.576 ? ? 
covale3  covale both ? B DA  5  "O3'" ? ? ? 1_555 B BRU 6 P  ? ? B DA  15 B BRU 16   1_555 ? ? ? ? ? ? ?            1.619 ? ? 
covale4  covale both ? B BRU 6  "O3'" ? ? ? 1_555 B DG  7 P  ? ? B BRU 16 B DG  17   1_555 ? ? ? ? ? ? ?            1.597 ? ? 
metalc1  metalc ?    ? A DG  9  N7    ? ? ? 1_555 E MG  . MG ? ? A DG  9  A MG  22   1_555 ? ? ? ? ? ? ?            2.307 ? ? 
metalc2  metalc ?    ? A DG  10 OP1   ? ? ? 1_555 D MG  . MG ? ? A DG  10 A MG  21   1_555 ? ? ? ? ? ? ?            2.117 ? ? 
metalc3  metalc ?    ? D MG  .  MG    ? ? ? 1_555 H HOH . O  ? ? A MG  21 A HOH 1078 1_555 ? ? ? ? ? ? ?            2.061 ? ? 
metalc4  metalc ?    ? D MG  .  MG    ? ? ? 1_555 H HOH . O  ? ? A MG  21 A HOH 1079 1_555 ? ? ? ? ? ? ?            2.055 ? ? 
metalc5  metalc ?    ? D MG  .  MG    ? ? ? 1_555 H HOH . O  ? ? A MG  21 A HOH 1080 1_555 ? ? ? ? ? ? ?            2.068 ? ? 
metalc6  metalc ?    ? D MG  .  MG    ? ? ? 1_555 H HOH . O  ? ? A MG  21 A HOH 1081 1_555 ? ? ? ? ? ? ?            2.061 ? ? 
metalc7  metalc ?    ? D MG  .  MG    ? ? ? 1_555 H HOH . O  ? ? A MG  21 A HOH 1082 1_555 ? ? ? ? ? ? ?            2.059 ? ? 
metalc8  metalc ?    ? E MG  .  MG    ? ? ? 1_555 H HOH . O  ? ? A MG  22 A HOH 1083 1_555 ? ? ? ? ? ? ?            2.056 ? ? 
metalc9  metalc ?    ? E MG  .  MG    ? ? ? 1_555 H HOH . O  ? ? A MG  22 A HOH 1084 1_555 ? ? ? ? ? ? ?            2.069 ? ? 
metalc10 metalc ?    ? E MG  .  MG    ? ? ? 1_555 H HOH . O  ? ? A MG  22 A HOH 1085 1_555 ? ? ? ? ? ? ?            2.069 ? ? 
metalc11 metalc ?    ? E MG  .  MG    ? ? ? 1_555 H HOH . O  ? ? A MG  22 A HOH 1086 1_555 ? ? ? ? ? ? ?            2.067 ? ? 
metalc12 metalc ?    ? E MG  .  MG    ? ? ? 1_555 H HOH . O  ? ? A MG  22 A HOH 1087 1_555 ? ? ? ? ? ? ?            2.063 ? ? 
metalc13 metalc ?    ? B BRU 6  OP1   ? ? ? 1_555 F NA  . NA ? ? B BRU 16 B NA  25   1_555 ? ? ? ? ? ? ?            4.103 ? ? 
metalc14 metalc ?    ? B BRU 6  "O5'" ? ? ? 1_555 F NA  . NA ? ? B BRU 16 B NA  25   1_555 ? ? ? ? ? ? ?            2.542 ? ? 
metalc15 metalc ?    ? B BRU 6  OP2   ? ? ? 1_555 F NA  . NA ? ? B BRU 16 B NA  25   1_555 ? ? ? ? ? ? ?            2.104 ? ? 
metalc16 metalc ?    ? B DG  10 OP1   ? ? ? 1_555 G MG  . MG ? ? B DG  20 B MG  23   1_555 ? ? ? ? ? ? ?            2.029 ? ? 
metalc17 metalc ?    ? B DG  10 OP1   ? ? ? 3_555 G MG  . MG ? ? B DG  20 B MG  23   1_555 ? ? ? ? ? ? ?            2.028 ? ? 
metalc18 metalc ?    ? G MG  .  MG    ? ? ? 1_555 I HOH . O  ? ? B MG  23 B HOH 1088 1_555 ? ? ? ? ? ? ?            2.056 ? ? 
metalc19 metalc ?    ? G MG  .  MG    ? ? ? 1_555 I HOH . O  ? ? B MG  23 B HOH 1088 3_555 ? ? ? ? ? ? ?            2.057 ? ? 
metalc20 metalc ?    ? G MG  .  MG    ? ? ? 1_555 I HOH . O  ? ? B MG  23 B HOH 1089 1_555 ? ? ? ? ? ? ?            2.057 ? ? 
metalc21 metalc ?    ? G MG  .  MG    ? ? ? 1_555 I HOH . O  ? ? B MG  23 B HOH 1089 3_555 ? ? ? ? ? ? ?            2.056 ? ? 
metalc22 metalc ?    ? G MG  .  MG    ? ? ? 1_555 I HOH . O  ? ? B MG  23 B HOH 1090 1_555 ? ? ? ? ? ? ?            2.062 ? ? 
metalc23 metalc ?    ? G MG  .  MG    ? ? ? 1_555 I HOH . O  ? ? B MG  23 B HOH 1090 3_555 ? ? ? ? ? ? ?            2.062 ? ? 
metalc24 metalc ?    ? G MG  .  MG    ? ? ? 1_555 I HOH . O  ? ? B MG  23 B HOH 1091 1_555 ? ? ? ? ? ? ?            2.062 ? ? 
metalc25 metalc ?    ? G MG  .  MG    ? ? ? 1_555 I HOH . O  ? ? B MG  23 B HOH 1091 3_555 ? ? ? ? ? ? ?            2.062 ? ? 
metalc26 metalc ?    ? F NA  .  NA    ? ? ? 1_555 I HOH . O  ? ? B NA  25 B HOH 1014 1_555 ? ? ? ? ? ? ?            2.908 ? ? 
hydrog1  hydrog ?    ? A DC  2  N3    ? ? ? 1_555 B DG  9 N1 ? ? A DC  2  B DG  19   1_555 ? ? ? ? ? ? WATSON-CRICK ?     ? ? 
hydrog2  hydrog ?    ? A DC  2  N4    ? ? ? 1_555 B DG  9 O6 ? ? A DC  2  B DG  19   1_555 ? ? ? ? ? ? WATSON-CRICK ?     ? ? 
hydrog3  hydrog ?    ? A DC  2  O2    ? ? ? 1_555 B DG  9 N2 ? ? A DC  2  B DG  19   1_555 ? ? ? ? ? ? WATSON-CRICK ?     ? ? 
hydrog4  hydrog ?    ? A DG  3  N2    ? ? ? 1_555 B DA  8 N7 ? ? A DG  3  B DA  18   1_555 ? ? ? ? ? ? TYPE_11_PAIR ?     ? ? 
hydrog5  hydrog ?    ? A DG  3  N3    ? ? ? 1_555 B DA  8 N6 ? ? A DG  3  B DA  18   1_555 ? ? ? ? ? ? TYPE_11_PAIR ?     ? ? 
hydrog6  hydrog ?    ? A DA  4  N6    ? ? ? 1_555 B DG  7 N3 ? ? A DA  4  B DG  17   1_555 ? ? ? ? ? ? TYPE_11_PAIR ?     ? ? 
hydrog7  hydrog ?    ? A DA  4  N7    ? ? ? 1_555 B DG  7 N2 ? ? A DA  4  B DG  17   1_555 ? ? ? ? ? ? TYPE_11_PAIR ?     ? ? 
hydrog8  hydrog ?    ? A DA  5  N1    ? ? ? 1_555 B BRU 6 N3 ? ? A DA  5  B BRU 16   1_555 ? ? ? ? ? ? WATSON-CRICK ?     ? ? 
hydrog9  hydrog ?    ? A DA  5  N6    ? ? ? 1_555 B BRU 6 O4 ? ? A DA  5  B BRU 16   1_555 ? ? ? ? ? ? WATSON-CRICK ?     ? ? 
hydrog10 hydrog ?    ? A BRU 6  N3    ? ? ? 1_555 B DA  5 N1 ? ? A BRU 6  B DA  15   1_555 ? ? ? ? ? ? WATSON-CRICK ?     ? ? 
hydrog11 hydrog ?    ? A BRU 6  O4    ? ? ? 1_555 B DA  5 N6 ? ? A BRU 6  B DA  15   1_555 ? ? ? ? ? ? WATSON-CRICK ?     ? ? 
hydrog12 hydrog ?    ? A DG  7  N2    ? ? ? 1_555 B DA  4 N7 ? ? A DG  7  B DA  14   1_555 ? ? ? ? ? ? TYPE_11_PAIR ?     ? ? 
hydrog13 hydrog ?    ? A DG  7  N3    ? ? ? 1_555 B DA  4 N6 ? ? A DG  7  B DA  14   1_555 ? ? ? ? ? ? TYPE_11_PAIR ?     ? ? 
hydrog14 hydrog ?    ? A DA  8  N6    ? ? ? 1_555 B DG  3 N3 ? ? A DA  8  B DG  13   1_555 ? ? ? ? ? ? TYPE_11_PAIR ?     ? ? 
hydrog15 hydrog ?    ? A DA  8  N7    ? ? ? 1_555 B DG  3 N2 ? ? A DA  8  B DG  13   1_555 ? ? ? ? ? ? TYPE_11_PAIR ?     ? ? 
hydrog16 hydrog ?    ? A DG  9  N1    ? ? ? 1_555 B DC  2 N3 ? ? A DG  9  B DC  12   1_555 ? ? ? ? ? ? WATSON-CRICK ?     ? ? 
hydrog17 hydrog ?    ? A DG  9  N2    ? ? ? 1_555 B DC  2 O2 ? ? A DG  9  B DC  12   1_555 ? ? ? ? ? ? WATSON-CRICK ?     ? ? 
hydrog18 hydrog ?    ? A DG  9  O6    ? ? ? 1_555 B DC  2 N4 ? ? A DG  9  B DC  12   1_555 ? ? ? ? ? ? WATSON-CRICK ?     ? ? 
hydrog19 hydrog ?    ? A DG  10 N1    ? ? ? 1_555 B DC  1 N3 ? ? A DG  10 B DC  11   1_555 ? ? ? ? ? ? WATSON-CRICK ?     ? ? 
hydrog20 hydrog ?    ? A DG  10 N2    ? ? ? 1_555 B DC  1 O2 ? ? A DG  10 B DC  11   1_555 ? ? ? ? ? ? WATSON-CRICK ?     ? ? 
hydrog21 hydrog ?    ? A DG  10 O6    ? ? ? 1_555 B DC  1 N4 ? ? A DG  10 B DC  11   1_555 ? ? ? ? ? ? WATSON-CRICK ?     ? ? 
# 
loop_
_struct_conn_type.id 
_struct_conn_type.criteria 
_struct_conn_type.reference 
covale ? ? 
metalc ? ? 
hydrog ? ? 
# 
loop_
_struct_site.id 
_struct_site.pdbx_evidence_code 
_struct_site.pdbx_auth_asym_id 
_struct_site.pdbx_auth_comp_id 
_struct_site.pdbx_auth_seq_id 
_struct_site.pdbx_auth_ins_code 
_struct_site.pdbx_num_residues 
_struct_site.details 
AC1 Software A SPM 24 ? 10 'BINDING SITE FOR RESIDUE SPM A 24' 
AC2 Software B NA  25 ? 3  'BINDING SITE FOR RESIDUE NA B 25'  
AC3 Software A MG  21 ? 6  'BINDING SITE FOR RESIDUE MG A 21'  
AC4 Software A MG  22 ? 6  'BINDING SITE FOR RESIDUE MG A 22'  
AC5 Software B MG  23 ? 10 'BINDING SITE FOR RESIDUE MG B 23'  
# 
loop_
_struct_site_gen.id 
_struct_site_gen.site_id 
_struct_site_gen.pdbx_num_res 
_struct_site_gen.label_comp_id 
_struct_site_gen.label_asym_id 
_struct_site_gen.label_seq_id 
_struct_site_gen.pdbx_auth_ins_code 
_struct_site_gen.auth_comp_id 
_struct_site_gen.auth_asym_id 
_struct_site_gen.auth_seq_id 
_struct_site_gen.label_atom_id 
_struct_site_gen.label_alt_id 
_struct_site_gen.symmetry 
_struct_site_gen.details 
1  AC1 10 DG  A 7  ? DG  A 7    . ? 1_555 ? 
2  AC1 10 DG  A 7  ? DG  A 7    . ? 3_655 ? 
3  AC1 10 HOH H .  ? HOH A 1069 . ? 1_555 ? 
4  AC1 10 HOH H .  ? HOH A 1069 . ? 3_655 ? 
5  AC1 10 DC  B 2  ? DC  B 12   . ? 3_655 ? 
6  AC1 10 DC  B 2  ? DC  B 12   . ? 1_555 ? 
7  AC1 10 DG  B 3  ? DG  B 13   . ? 1_555 ? 
8  AC1 10 DG  B 3  ? DG  B 13   . ? 3_655 ? 
9  AC1 10 HOH I .  ? HOH B 1056 . ? 3_655 ? 
10 AC1 10 HOH I .  ? HOH B 1056 . ? 1_555 ? 
11 AC2 3  DA  B 5  ? DA  B 15   . ? 1_555 ? 
12 AC2 3  BRU B 6  ? BRU B 16   . ? 1_555 ? 
13 AC2 3  HOH I .  ? HOH B 1014 . ? 1_555 ? 
14 AC3 6  DG  A 10 ? DG  A 10   . ? 1_555 ? 
15 AC3 6  HOH H .  ? HOH A 1078 . ? 1_555 ? 
16 AC3 6  HOH H .  ? HOH A 1079 . ? 1_555 ? 
17 AC3 6  HOH H .  ? HOH A 1080 . ? 1_555 ? 
18 AC3 6  HOH H .  ? HOH A 1081 . ? 1_555 ? 
19 AC3 6  HOH H .  ? HOH A 1082 . ? 1_555 ? 
20 AC4 6  DG  A 9  ? DG  A 9    . ? 1_555 ? 
21 AC4 6  HOH H .  ? HOH A 1083 . ? 1_555 ? 
22 AC4 6  HOH H .  ? HOH A 1084 . ? 1_555 ? 
23 AC4 6  HOH H .  ? HOH A 1085 . ? 1_555 ? 
24 AC4 6  HOH H .  ? HOH A 1086 . ? 1_555 ? 
25 AC4 6  HOH H .  ? HOH A 1087 . ? 1_555 ? 
26 AC5 10 DG  B 10 ? DG  B 20   . ? 1_555 ? 
27 AC5 10 DG  B 10 ? DG  B 20   . ? 3_555 ? 
28 AC5 10 HOH I .  ? HOH B 1088 . ? 1_555 ? 
29 AC5 10 HOH I .  ? HOH B 1088 . ? 3_555 ? 
30 AC5 10 HOH I .  ? HOH B 1089 . ? 3_555 ? 
31 AC5 10 HOH I .  ? HOH B 1089 . ? 1_555 ? 
32 AC5 10 HOH I .  ? HOH B 1090 . ? 1_555 ? 
33 AC5 10 HOH I .  ? HOH B 1090 . ? 3_555 ? 
34 AC5 10 HOH I .  ? HOH B 1091 . ? 3_555 ? 
35 AC5 10 HOH I .  ? HOH B 1091 . ? 1_555 ? 
# 
_atom_sites.entry_id                    1DCR 
_atom_sites.fract_transf_matrix[1][1]   -0.04718352 
_atom_sites.fract_transf_matrix[1][2]   0.00428033 
_atom_sites.fract_transf_matrix[1][3]   0.00581666 
_atom_sites.fract_transf_matrix[2][1]   0.00183223 
_atom_sites.fract_transf_matrix[2][2]   -0.00153025 
_atom_sites.fract_transf_matrix[2][3]   0.01598877 
_atom_sites.fract_transf_matrix[3][1]   0.00146337 
_atom_sites.fract_transf_matrix[3][2]   0.01447635 
_atom_sites.fract_transf_matrix[3][3]   0.00121780 
_atom_sites.fract_transf_vector[1]      0.448850 
_atom_sites.fract_transf_vector[2]      0.120576 
_atom_sites.fract_transf_vector[3]      0.374579 
# 
loop_
_atom_type.symbol 
BR 
C  
MG 
N  
NA 
O  
P  
# 
loop_
_atom_site.group_PDB 
_atom_site.id 
_atom_site.type_symbol 
_atom_site.label_atom_id 
_atom_site.label_alt_id 
_atom_site.label_comp_id 
_atom_site.label_asym_id 
_atom_site.label_entity_id 
_atom_site.label_seq_id 
_atom_site.pdbx_PDB_ins_code 
_atom_site.Cartn_x 
_atom_site.Cartn_y 
_atom_site.Cartn_z 
_atom_site.occupancy 
_atom_site.B_iso_or_equiv 
_atom_site.pdbx_formal_charge 
_atom_site.auth_seq_id 
_atom_site.auth_comp_id 
_atom_site.auth_asym_id 
_atom_site.auth_atom_id 
_atom_site.pdbx_PDB_model_num 
ATOM   1   O  "O5'" . DC  A 1 1  ? -6.319  3.372   -19.189 1.00 32.51 ? 1    DC  A "O5'" 1 
ATOM   2   C  "C5'" . DC  A 1 1  ? -6.978  4.528   -18.637 1.00 34.42 ? 1    DC  A "C5'" 1 
ATOM   3   C  "C4'" . DC  A 1 1  ? -7.822  4.174   -17.450 1.00 33.20 ? 1    DC  A "C4'" 1 
ATOM   4   O  "O4'" . DC  A 1 1  ? -9.088  3.613   -17.861 1.00 34.19 ? 1    DC  A "O4'" 1 
ATOM   5   C  "C3'" . DC  A 1 1  ? -7.254  3.137   -16.484 1.00 29.30 ? 1    DC  A "C3'" 1 
ATOM   6   O  "O3'" . DC  A 1 1  ? -6.401  3.804   -15.513 1.00 29.57 ? 1    DC  A "O3'" 1 
ATOM   7   C  "C2'" . DC  A 1 1  ? -8.502  2.613   -15.801 1.00 27.87 ? 1    DC  A "C2'" 1 
ATOM   8   C  "C1'" . DC  A 1 1  ? -9.627  2.799   -16.810 1.00 24.09 ? 1    DC  A "C1'" 1 
ATOM   9   N  N1    . DC  A 1 1  ? -9.978  1.528   -17.486 1.00 28.19 ? 1    DC  A N1    1 
ATOM   10  C  C2    . DC  A 1 1  ? -11.248 1.465   -18.082 1.00 29.31 ? 1    DC  A C2    1 
ATOM   11  O  O2    . DC  A 1 1  ? -11.892 2.522   -18.080 1.00 28.32 ? 1    DC  A O2    1 
ATOM   12  N  N3    . DC  A 1 1  ? -11.684 0.276   -18.541 1.00 30.98 ? 1    DC  A N3    1 
ATOM   13  C  C4    . DC  A 1 1  ? -10.887 -0.794  -18.561 1.00 31.33 ? 1    DC  A C4    1 
ATOM   14  N  N4    . DC  A 1 1  ? -11.339 -1.951  -19.046 1.00 21.72 ? 1    DC  A N4    1 
ATOM   15  C  C5    . DC  A 1 1  ? -9.557  -0.731  -18.044 1.00 32.43 ? 1    DC  A C5    1 
ATOM   16  C  C6    . DC  A 1 1  ? -9.231  0.402   -17.406 1.00 29.57 ? 1    DC  A C6    1 
ATOM   17  P  P     . DC  A 1 2  ? -4.877  3.273   -15.397 1.00 39.37 ? 2    DC  A P     1 
ATOM   18  O  OP1   . DC  A 1 2  ? -4.048  4.174   -14.554 1.00 35.04 ? 2    DC  A OP1   1 
ATOM   19  O  OP2   . DC  A 1 2  ? -4.433  2.913   -16.764 1.00 57.47 ? 2    DC  A OP2   1 
ATOM   20  O  "O5'" . DC  A 1 2  ? -5.030  1.902   -14.597 1.00 34.31 ? 2    DC  A "O5'" 1 
ATOM   21  C  "C5'" . DC  A 1 2  ? -5.241  0.657   -15.287 1.00 40.74 ? 2    DC  A "C5'" 1 
ATOM   22  C  "C4'" . DC  A 1 2  ? -4.414  -0.389  -14.564 1.00 29.50 ? 2    DC  A "C4'" 1 
ATOM   23  O  "O4'" . DC  A 1 2  ? -3.022  0.011   -14.603 1.00 28.00 ? 2    DC  A "O4'" 1 
ATOM   24  C  "C3'" . DC  A 1 2  ? -4.765  -0.463  -13.064 1.00 24.50 ? 2    DC  A "C3'" 1 
ATOM   25  O  "O3'" . DC  A 1 2  ? -4.630  -1.862  -12.786 1.00 26.05 ? 2    DC  A "O3'" 1 
ATOM   26  C  "C2'" . DC  A 1 2  ? -3.618  0.277   -12.369 1.00 31.06 ? 2    DC  A "C2'" 1 
ATOM   27  C  "C1'" . DC  A 1 2  ? -2.456  -0.042  -13.294 1.00 34.01 ? 2    DC  A "C1'" 1 
ATOM   28  N  N1    . DC  A 1 2  ? -1.312  0.883   -13.274 1.00 25.16 ? 2    DC  A N1    1 
ATOM   29  C  C2    . DC  A 1 2  ? -0.035  0.340   -13.095 1.00 28.53 ? 2    DC  A C2    1 
ATOM   30  O  O2    . DC  A 1 2  ? 0.110   -0.890  -12.999 1.00 32.40 ? 2    DC  A O2    1 
ATOM   31  N  N3    . DC  A 1 2  ? 1.018   1.170   -13.028 1.00 18.92 ? 2    DC  A N3    1 
ATOM   32  C  C4    . DC  A 1 2  ? 0.877   2.494   -13.077 1.00 27.36 ? 2    DC  A C4    1 
ATOM   33  N  N4    . DC  A 1 2  ? 1.990   3.228   -13.094 1.00 27.70 ? 2    DC  A N4    1 
ATOM   34  C  C5    . DC  A 1 2  ? -0.413  3.073   -13.293 1.00 22.47 ? 2    DC  A C5    1 
ATOM   35  C  C6    . DC  A 1 2  ? -1.458  2.238   -13.337 1.00 26.00 ? 2    DC  A C6    1 
ATOM   36  P  P     . DG  A 1 3  ? -5.247  -2.541  -11.501 1.00 29.61 ? 3    DG  A P     1 
ATOM   37  O  OP1   . DG  A 1 3  ? -5.442  -4.007  -11.758 1.00 30.79 ? 3    DG  A OP1   1 
ATOM   38  O  OP2   . DG  A 1 3  ? -6.390  -1.773  -10.948 1.00 36.86 ? 3    DG  A OP2   1 
ATOM   39  O  "O5'" . DG  A 1 3  ? -4.097  -2.453  -10.376 1.00 36.11 ? 3    DG  A "O5'" 1 
ATOM   40  C  "C5'" . DG  A 1 3  ? -2.841  -3.132  -10.569 1.00 30.70 ? 3    DG  A "C5'" 1 
ATOM   41  C  "C4'" . DG  A 1 3  ? -1.893  -2.730  -9.433  1.00 26.84 ? 3    DG  A "C4'" 1 
ATOM   42  O  "O4'" . DG  A 1 3  ? -1.600  -1.334  -9.623  1.00 23.11 ? 3    DG  A "O4'" 1 
ATOM   43  C  "C3'" . DG  A 1 3  ? -2.529  -2.811  -8.034  1.00 28.88 ? 3    DG  A "C3'" 1 
ATOM   44  O  "O3'" . DG  A 1 3  ? -1.547  -3.347  -7.108  1.00 25.13 ? 3    DG  A "O3'" 1 
ATOM   45  C  "C2'" . DG  A 1 3  ? -2.763  -1.371  -7.640  1.00 32.62 ? 3    DG  A "C2'" 1 
ATOM   46  C  "C1'" . DG  A 1 3  ? -1.728  -0.605  -8.416  1.00 24.73 ? 3    DG  A "C1'" 1 
ATOM   47  N  N9    . DG  A 1 3  ? -2.027  0.777   -8.780  1.00 20.75 ? 3    DG  A N9    1 
ATOM   48  C  C8    . DG  A 1 3  ? -3.264  1.361   -8.957  1.00 23.49 ? 3    DG  A C8    1 
ATOM   49  N  N7    . DG  A 1 3  ? -3.176  2.604   -9.369  1.00 25.29 ? 3    DG  A N7    1 
ATOM   50  C  C5    . DG  A 1 3  ? -1.822  2.875   -9.408  1.00 20.05 ? 3    DG  A C5    1 
ATOM   51  C  C6    . DG  A 1 3  ? -1.089  4.032   -9.757  1.00 21.26 ? 3    DG  A C6    1 
ATOM   52  O  O6    . DG  A 1 3  ? -1.528  5.132   -10.135 1.00 30.45 ? 3    DG  A O6    1 
ATOM   53  N  N1    . DG  A 1 3  ? 0.303   3.825   -9.772  1.00 22.64 ? 3    DG  A N1    1 
ATOM   54  C  C2    . DG  A 1 3  ? 0.908   2.647   -9.445  1.00 30.32 ? 3    DG  A C2    1 
ATOM   55  N  N2    . DG  A 1 3  ? 2.241   2.593   -9.463  1.00 26.91 ? 3    DG  A N2    1 
ATOM   56  N  N3    . DG  A 1 3  ? 0.222   1.586   -9.057  1.00 20.58 ? 3    DG  A N3    1 
ATOM   57  C  C4    . DG  A 1 3  ? -1.105  1.697   -9.227  1.00 21.73 ? 3    DG  A C4    1 
ATOM   58  P  P     . DA  A 1 4  ? -2.018  -4.343  -5.934  1.00 30.61 ? 4    DA  A P     1 
ATOM   59  O  OP1   . DA  A 1 4  ? -3.042  -5.286  -6.433  1.00 31.85 ? 4    DA  A OP1   1 
ATOM   60  O  OP2   . DA  A 1 4  ? -2.221  -3.575  -4.691  1.00 30.54 ? 4    DA  A OP2   1 
ATOM   61  O  "O5'" . DA  A 1 4  ? -0.648  -5.164  -5.707  1.00 32.70 ? 4    DA  A "O5'" 1 
ATOM   62  C  "C5'" . DA  A 1 4  ? -0.046  -5.928  -6.761  1.00 27.95 ? 4    DA  A "C5'" 1 
ATOM   63  C  "C4'" . DA  A 1 4  ? 1.450   -5.992  -6.629  1.00 28.76 ? 4    DA  A "C4'" 1 
ATOM   64  O  "O4'" . DA  A 1 4  ? 2.108   -4.782  -7.066  1.00 25.30 ? 4    DA  A "O4'" 1 
ATOM   65  C  "C3'" . DA  A 1 4  ? 1.962   -6.306  -5.228  1.00 33.89 ? 4    DA  A "C3'" 1 
ATOM   66  O  "O3'" . DA  A 1 4  ? 2.816   -7.444  -5.367  1.00 41.60 ? 4    DA  A "O3'" 1 
ATOM   67  C  "C2'" . DA  A 1 4  ? 2.776   -5.096  -4.810  1.00 26.17 ? 4    DA  A "C2'" 1 
ATOM   68  C  "C1'" . DA  A 1 4  ? 2.995   -4.291  -6.070  1.00 23.24 ? 4    DA  A "C1'" 1 
ATOM   69  N  N9    . DA  A 1 4  ? 2.683   -2.850  -5.879  1.00 22.87 ? 4    DA  A N9    1 
ATOM   70  C  C8    . DA  A 1 4  ? 1.533   -2.190  -6.164  1.00 23.03 ? 4    DA  A C8    1 
ATOM   71  N  N7    . DA  A 1 4  ? 1.555   -0.902  -5.835  1.00 22.42 ? 4    DA  A N7    1 
ATOM   72  C  C5    . DA  A 1 4  ? 2.819   -0.751  -5.288  1.00 30.74 ? 4    DA  A C5    1 
ATOM   73  C  C6    . DA  A 1 4  ? 3.473   0.326   -4.663  1.00 29.94 ? 4    DA  A C6    1 
ATOM   74  N  N6    . DA  A 1 4  ? 2.966   1.552   -4.637  1.00 31.88 ? 4    DA  A N6    1 
ATOM   75  N  N1    . DA  A 1 4  ? 4.759   0.139   -4.285  1.00 28.21 ? 4    DA  A N1    1 
ATOM   76  C  C2    . DA  A 1 4  ? 5.338   -1.066  -4.414  1.00 28.07 ? 4    DA  A C2    1 
ATOM   77  N  N3    . DA  A 1 4  ? 4.803   -2.156  -4.931  1.00 28.17 ? 4    DA  A N3    1 
ATOM   78  C  C4    . DA  A 1 4  ? 3.533   -1.934  -5.328  1.00 27.00 ? 4    DA  A C4    1 
ATOM   79  P  P     . DA  A 1 5  ? 3.155   -8.428  -4.147  1.00 38.77 ? 5    DA  A P     1 
ATOM   80  O  OP1   . DA  A 1 5  ? 4.168   -9.405  -4.601  1.00 49.74 ? 5    DA  A OP1   1 
ATOM   81  O  OP2   . DA  A 1 5  ? 1.846   -8.834  -3.572  1.00 35.54 ? 5    DA  A OP2   1 
ATOM   82  O  "O5'" . DA  A 1 5  ? 3.842   -7.486  -3.057  1.00 35.03 ? 5    DA  A "O5'" 1 
ATOM   83  C  "C5'" . DA  A 1 5  ? 5.126   -6.889  -3.303  1.00 37.62 ? 5    DA  A "C5'" 1 
ATOM   84  C  "C4'" . DA  A 1 5  ? 5.572   -6.040  -2.161  1.00 34.80 ? 5    DA  A "C4'" 1 
ATOM   85  O  "O4'" . DA  A 1 5  ? 4.950   -4.750  -2.150  1.00 33.45 ? 5    DA  A "O4'" 1 
ATOM   86  C  "C3'" . DA  A 1 5  ? 5.505   -6.573  -0.731  1.00 30.44 ? 5    DA  A "C3'" 1 
ATOM   87  O  "O3'" . DA  A 1 5  ? 6.692   -6.124  -0.057  1.00 35.15 ? 5    DA  A "O3'" 1 
ATOM   88  C  "C2'" . DA  A 1 5  ? 4.265   -5.884  -0.193  1.00 33.65 ? 5    DA  A "C2'" 1 
ATOM   89  C  "C1'" . DA  A 1 5  ? 4.193   -4.578  -0.956  1.00 25.22 ? 5    DA  A "C1'" 1 
ATOM   90  N  N9    . DA  A 1 5  ? 2.859   -4.098  -1.306  1.00 24.61 ? 5    DA  A N9    1 
ATOM   91  C  C8    . DA  A 1 5  ? 1.791   -4.857  -1.689  1.00 24.57 ? 5    DA  A C8    1 
ATOM   92  N  N7    . DA  A 1 5  ? 0.700   -4.190  -1.997  1.00 22.30 ? 5    DA  A N7    1 
ATOM   93  C  C5    . DA  A 1 5  ? 1.151   -2.861  -2.011  1.00 22.80 ? 5    DA  A C5    1 
ATOM   94  C  C6    . DA  A 1 5  ? 0.448   -1.645  -2.113  1.00 33.40 ? 5    DA  A C6    1 
ATOM   95  N  N6    . DA  A 1 5  ? -0.833  -1.542  -2.500  1.00 24.92 ? 5    DA  A N6    1 
ATOM   96  N  N1    . DA  A 1 5  ? 1.098   -0.488  -1.849  1.00 29.15 ? 5    DA  A N1    1 
ATOM   97  C  C2    . DA  A 1 5  ? 2.367   -0.583  -1.442  1.00 30.25 ? 5    DA  A C2    1 
ATOM   98  N  N3    . DA  A 1 5  ? 3.103   -1.661  -1.227  1.00 31.29 ? 5    DA  A N3    1 
ATOM   99  C  C4    . DA  A 1 5  ? 2.445   -2.799  -1.540  1.00 24.39 ? 5    DA  A C4    1 
HETATM 100 N  N1    . BRU A 1 6  ? 2.927   -2.194  2.366   1.00 28.64 ? 6    BRU A N1    1 
HETATM 101 C  C2    . BRU A 1 6  ? 2.136   -1.097  2.118   1.00 35.42 ? 6    BRU A C2    1 
HETATM 102 N  N3    . BRU A 1 6  ? 0.825   -1.352  1.768   1.00 24.35 ? 6    BRU A N3    1 
HETATM 103 C  C4    . BRU A 1 6  ? 0.243   -2.583  1.533   1.00 18.54 ? 6    BRU A C4    1 
HETATM 104 C  C5    . BRU A 1 6  ? 1.118   -3.705  1.816   1.00 19.09 ? 6    BRU A C5    1 
HETATM 105 C  C6    . BRU A 1 6  ? 2.393   -3.448  2.222   1.00 22.75 ? 6    BRU A C6    1 
HETATM 106 O  O2    . BRU A 1 6  ? 2.537   0.044   2.242   1.00 25.26 ? 6    BRU A O2    1 
HETATM 107 O  O4    . BRU A 1 6  ? -0.912  -2.722  1.183   1.00 29.96 ? 6    BRU A O4    1 
HETATM 108 BR BR    . BRU A 1 6  ? 0.583   -5.491  1.559   1.00 33.96 ? 6    BRU A BR    1 
HETATM 109 C  "C1'" . BRU A 1 6  ? 4.326   -1.995  2.767   1.00 35.60 ? 6    BRU A "C1'" 1 
HETATM 110 C  "C2'" . BRU A 1 6  ? 4.821   -2.616  4.065   1.00 34.62 ? 6    BRU A "C2'" 1 
HETATM 111 C  "C3'" . BRU A 1 6  ? 6.322   -2.758  3.856   1.00 31.33 ? 6    BRU A "C3'" 1 
HETATM 112 C  "C4'" . BRU A 1 6  ? 6.494   -2.627  2.325   1.00 35.18 ? 6    BRU A "C4'" 1 
HETATM 113 O  "O3'" . BRU A 1 6  ? 7.033   -1.673  4.435   1.00 28.61 ? 6    BRU A "O3'" 1 
HETATM 114 O  "O4'" . BRU A 1 6  ? 5.139   -2.693  1.805   1.00 28.09 ? 6    BRU A "O4'" 1 
HETATM 115 C  "C5'" . BRU A 1 6  ? 7.259   -3.776  1.718   1.00 35.69 ? 6    BRU A "C5'" 1 
HETATM 116 O  "O5'" . BRU A 1 6  ? 6.640   -4.993  2.190   1.00 36.33 ? 6    BRU A "O5'" 1 
HETATM 117 P  P     . BRU A 1 6  ? 7.010   -6.374  1.500   1.00 42.27 ? 6    BRU A P     1 
HETATM 118 O  OP1   . BRU A 1 6  ? 8.482   -6.557  1.666   1.00 70.69 ? 6    BRU A OP1   1 
HETATM 119 O  OP2   . BRU A 1 6  ? 6.092   -7.405  2.022   1.00 30.13 ? 6    BRU A OP2   1 
ATOM   120 P  P     . DG  A 1 7  ? 7.240   -1.251  5.938   1.00 32.65 ? 7    DG  A P     1 
ATOM   121 O  OP1   . DG  A 1 7  ? 8.279   -0.246  6.130   1.00 43.82 ? 7    DG  A OP1   1 
ATOM   122 O  OP2   . DG  A 1 7  ? 7.216   -2.528  6.754   1.00 27.49 ? 7    DG  A OP2   1 
ATOM   123 O  "O5'" . DG  A 1 7  ? 5.828   -0.627  6.415   1.00 30.53 ? 7    DG  A "O5'" 1 
ATOM   124 C  "C5'" . DG  A 1 7  ? 5.281   0.545   5.796   1.00 30.14 ? 7    DG  A "C5'" 1 
ATOM   125 C  "C4'" . DG  A 1 7  ? 3.913   0.811   6.372   1.00 21.60 ? 7    DG  A "C4'" 1 
ATOM   126 O  "O4'" . DG  A 1 7  ? 3.012   -0.265  5.995   1.00 24.45 ? 7    DG  A "O4'" 1 
ATOM   127 C  "C3'" . DG  A 1 7  ? 3.888   0.901   7.887   1.00 22.29 ? 7    DG  A "C3'" 1 
ATOM   128 O  "O3'" . DG  A 1 7  ? 3.037   1.998   8.276   1.00 31.82 ? 7    DG  A "O3'" 1 
ATOM   129 C  "C2'" . DG  A 1 7  ? 3.216   -0.384  8.350   1.00 22.95 ? 7    DG  A "C2'" 1 
ATOM   130 C  "C1'" . DG  A 1 7  ? 2.342   -0.732  7.160   1.00 27.98 ? 7    DG  A "C1'" 1 
ATOM   131 N  N9    . DG  A 1 7  ? 2.184   -2.170  6.914   1.00 22.50 ? 7    DG  A N9    1 
ATOM   132 C  C8    . DG  A 1 7  ? 2.988   -3.228  7.235   1.00 24.28 ? 7    DG  A C8    1 
ATOM   133 N  N7    . DG  A 1 7  ? 2.555   -4.359  6.731   1.00 26.96 ? 7    DG  A N7    1 
ATOM   134 C  C5    . DG  A 1 7  ? 1.412   -3.991  6.034   1.00 27.62 ? 7    DG  A C5    1 
ATOM   135 C  C6    . DG  A 1 7  ? 0.512   -4.789  5.285   1.00 31.36 ? 7    DG  A C6    1 
ATOM   136 O  O6    . DG  A 1 7  ? 0.538   -6.017  5.205   1.00 30.27 ? 7    DG  A O6    1 
ATOM   137 N  N1    . DG  A 1 7  ? -0.538  -4.034  4.765   1.00 30.60 ? 7    DG  A N1    1 
ATOM   138 C  C2    . DG  A 1 7  ? -0.685  -2.666  4.911   1.00 20.76 ? 7    DG  A C2    1 
ATOM   139 N  N2    . DG  A 1 7  ? -1.745  -2.141  4.305   1.00 27.86 ? 7    DG  A N2    1 
ATOM   140 N  N3    . DG  A 1 7  ? 0.171   -1.901  5.581   1.00 20.65 ? 7    DG  A N3    1 
ATOM   141 C  C4    . DG  A 1 7  ? 1.138   -2.651  6.154   1.00 26.12 ? 7    DG  A C4    1 
ATOM   142 P  P     . DA  A 1 8  ? 3.704   3.312   8.921   1.00 36.86 ? 8    DA  A P     1 
ATOM   143 O  OP1   . DA  A 1 8  ? 4.824   3.737   8.065   1.00 32.66 ? 8    DA  A OP1   1 
ATOM   144 O  OP2   . DA  A 1 8  ? 3.954   2.979   10.357  1.00 46.03 ? 8    DA  A OP2   1 
ATOM   145 O  "O5'" . DA  A 1 8  ? 2.535   4.388   8.918   1.00 41.71 ? 8    DA  A "O5'" 1 
ATOM   146 C  "C5'" . DA  A 1 8  ? 2.292   5.236   7.781   1.00 39.97 ? 8    DA  A "C5'" 1 
ATOM   147 C  "C4'" . DA  A 1 8  ? 1.024   6.022   8.007   1.00 34.69 ? 8    DA  A "C4'" 1 
ATOM   148 O  "O4'" . DA  A 1 8  ? -0.122  5.218   7.668   1.00 30.20 ? 8    DA  A "O4'" 1 
ATOM   149 C  "C3'" . DA  A 1 8  ? 0.768   6.439   9.465   1.00 34.84 ? 8    DA  A "C3'" 1 
ATOM   150 O  "O3'" . DA  A 1 8  ? -0.069  7.626   9.353   1.00 41.86 ? 8    DA  A "O3'" 1 
ATOM   151 C  "C2'" . DA  A 1 8  ? -0.120  5.327   10.003  1.00 29.77 ? 8    DA  A "C2'" 1 
ATOM   152 C  "C1'" . DA  A 1 8  ? -0.953  4.974   8.787   1.00 26.18 ? 8    DA  A "C1'" 1 
ATOM   153 N  N9    . DA  A 1 8  ? -1.419  3.606   8.631   1.00 27.05 ? 8    DA  A N9    1 
ATOM   154 C  C8    . DA  A 1 8  ? -0.657  2.460   8.576   1.00 28.04 ? 8    DA  A C8    1 
ATOM   155 N  N7    . DA  A 1 8  ? -1.363  1.357   8.647   1.00 30.22 ? 8    DA  A N7    1 
ATOM   156 C  C5    . DA  A 1 8  ? -2.680  1.823   8.710   1.00 32.00 ? 8    DA  A C5    1 
ATOM   157 C  C6    . DA  A 1 8  ? -3.911  1.143   8.679   1.00 30.17 ? 8    DA  A C6    1 
ATOM   158 N  N6    . DA  A 1 8  ? -3.980  -0.159  8.916   1.00 22.80 ? 8    DA  A N6    1 
ATOM   159 N  N1    . DA  A 1 8  ? -5.061  1.862   8.684   1.00 30.01 ? 8    DA  A N1    1 
ATOM   160 C  C2    . DA  A 1 8  ? -4.915  3.189   8.591   1.00 26.36 ? 8    DA  A C2    1 
ATOM   161 N  N3    . DA  A 1 8  ? -3.833  3.947   8.533   1.00 24.72 ? 8    DA  A N3    1 
ATOM   162 C  C4    . DA  A 1 8  ? -2.723  3.192   8.556   1.00 25.63 ? 8    DA  A C4    1 
ATOM   163 P  P     . DG  A 1 9  ? -0.085  8.680   10.553  1.00 37.39 ? 9    DG  A P     1 
ATOM   164 O  OP1   . DG  A 1 9  ? -0.389  10.014  9.994   1.00 36.35 ? 9    DG  A OP1   1 
ATOM   165 O  OP2   . DG  A 1 9  ? 1.067   8.467   11.454  1.00 31.98 ? 9    DG  A OP2   1 
ATOM   166 O  "O5'" . DG  A 1 9  ? -1.378  8.227   11.372  1.00 35.28 ? 9    DG  A "O5'" 1 
ATOM   167 C  "C5'" . DG  A 1 9  ? -2.709  8.379   10.827  1.00 31.46 ? 9    DG  A "C5'" 1 
ATOM   168 C  "C4'" . DG  A 1 9  ? -3.619  7.450   11.627  1.00 27.93 ? 9    DG  A "C4'" 1 
ATOM   169 O  "O4'" . DG  A 1 9  ? -3.086  6.101   11.486  1.00 33.65 ? 9    DG  A "O4'" 1 
ATOM   170 C  "C3'" . DG  A 1 9  ? -3.566  7.733   13.142  1.00 34.16 ? 9    DG  A "C3'" 1 
ATOM   171 O  "O3'" . DG  A 1 9  ? -4.829  7.376   13.720  1.00 40.62 ? 9    DG  A "O3'" 1 
ATOM   172 C  "C2'" . DG  A 1 9  ? -2.510  6.720   13.605  1.00 36.08 ? 9    DG  A "C2'" 1 
ATOM   173 C  "C1'" . DG  A 1 9  ? -2.944  5.514   12.773  1.00 28.37 ? 9    DG  A "C1'" 1 
ATOM   174 N  N9    . DG  A 1 9  ? -2.061  4.357   12.771  1.00 27.57 ? 9    DG  A N9    1 
ATOM   175 C  C8    . DG  A 1 9  ? -0.756  4.284   13.139  1.00 27.40 ? 9    DG  A C8    1 
ATOM   176 N  N7    . DG  A 1 9  ? -0.229  3.091   13.040  1.00 27.38 ? 9    DG  A N7    1 
ATOM   177 C  C5    . DG  A 1 9  ? -1.317  2.296   12.698  1.00 30.15 ? 9    DG  A C5    1 
ATOM   178 C  C6    . DG  A 1 9  ? -1.414  0.888   12.562  1.00 21.39 ? 9    DG  A C6    1 
ATOM   179 O  O6    . DG  A 1 9  ? -0.495  0.047   12.613  1.00 29.19 ? 9    DG  A O6    1 
ATOM   180 N  N1    . DG  A 1 9  ? -2.717  0.496   12.263  1.00 22.69 ? 9    DG  A N1    1 
ATOM   181 C  C2    . DG  A 1 9  ? -3.796  1.343   12.139  1.00 22.37 ? 9    DG  A C2    1 
ATOM   182 N  N2    . DG  A 1 9  ? -4.981  0.761   11.841  1.00 27.38 ? 9    DG  A N2    1 
ATOM   183 N  N3    . DG  A 1 9  ? -3.723  2.653   12.312  1.00 26.85 ? 9    DG  A N3    1 
ATOM   184 C  C4    . DG  A 1 9  ? -2.440  3.068   12.479  1.00 19.81 ? 9    DG  A C4    1 
ATOM   185 P  P     . DG  A 1 10 ? -5.503  8.200   14.920  1.00 39.58 ? 10   DG  A P     1 
ATOM   186 O  OP1   . DG  A 1 10 ? -5.845  9.552   14.462  1.00 46.44 ? 10   DG  A OP1   1 
ATOM   187 O  OP2   . DG  A 1 10 ? -4.664  8.030   16.147  1.00 34.80 ? 10   DG  A OP2   1 
ATOM   188 O  "O5'" . DG  A 1 10 ? -6.874  7.412   15.157  1.00 37.53 ? 10   DG  A "O5'" 1 
ATOM   189 C  "C5'" . DG  A 1 10 ? -7.752  7.165   14.035  1.00 39.03 ? 10   DG  A "C5'" 1 
ATOM   190 C  "C4'" . DG  A 1 10 ? -8.437  5.816   14.188  1.00 35.64 ? 10   DG  A "C4'" 1 
ATOM   191 O  "O4'" . DG  A 1 10 ? -7.445  4.778   14.051  1.00 32.57 ? 10   DG  A "O4'" 1 
ATOM   192 C  "C3'" . DG  A 1 10 ? -9.076  5.578   15.558  1.00 39.39 ? 10   DG  A "C3'" 1 
ATOM   193 O  "O3'" . DG  A 1 10 ? -10.349 4.933   15.380  1.00 48.98 ? 10   DG  A "O3'" 1 
ATOM   194 C  "C2'" . DG  A 1 10 ? -8.102  4.646   16.262  1.00 34.55 ? 10   DG  A "C2'" 1 
ATOM   195 C  "C1'" . DG  A 1 10 ? -7.541  3.819   15.111  1.00 30.32 ? 10   DG  A "C1'" 1 
ATOM   196 N  N9    . DG  A 1 10 ? -6.201  3.264   15.295  1.00 33.73 ? 10   DG  A N9    1 
ATOM   197 C  C8    . DG  A 1 10 ? -5.074  4.039   15.487  1.00 28.80 ? 10   DG  A C8    1 
ATOM   198 N  N7    . DG  A 1 10 ? -4.000  3.360   15.749  1.00 31.37 ? 10   DG  A N7    1 
ATOM   199 C  C5    . DG  A 1 10 ? -4.380  2.042   15.524  1.00 26.98 ? 10   DG  A C5    1 
ATOM   200 C  C6    . DG  A 1 10 ? -3.642  0.861   15.745  1.00 25.23 ? 10   DG  A C6    1 
ATOM   201 O  O6    . DG  A 1 10 ? -2.407  0.786   15.921  1.00 27.59 ? 10   DG  A O6    1 
ATOM   202 N  N1    . DG  A 1 10 ? -4.429  -0.267  15.563  1.00 24.52 ? 10   DG  A N1    1 
ATOM   203 C  C2    . DG  A 1 10 ? -5.773  -0.252  15.307  1.00 31.26 ? 10   DG  A C2    1 
ATOM   204 N  N2    . DG  A 1 10 ? -6.374  -1.444  15.179  1.00 33.41 ? 10   DG  A N2    1 
ATOM   205 N  N3    . DG  A 1 10 ? -6.482  0.851   15.156  1.00 28.50 ? 10   DG  A N3    1 
ATOM   206 C  C4    . DG  A 1 10 ? -5.755  1.968   15.332  1.00 30.96 ? 10   DG  A C4    1 
ATOM   207 O  "O5'" . DC  B 1 1  ? -0.735  -7.978  15.024  1.00 28.48 ? 11   DC  B "O5'" 1 
ATOM   208 C  "C5'" . DC  B 1 1  ? -1.592  -9.078  15.386  1.00 27.30 ? 11   DC  B "C5'" 1 
ATOM   209 C  "C4'" . DC  B 1 1  ? -2.996  -8.532  15.552  1.00 21.05 ? 11   DC  B "C4'" 1 
ATOM   210 O  "O4'" . DC  B 1 1  ? -2.964  -7.412  16.458  1.00 22.53 ? 11   DC  B "O4'" 1 
ATOM   211 C  "C3'" . DC  B 1 1  ? -3.557  -7.894  14.259  1.00 20.82 ? 11   DC  B "C3'" 1 
ATOM   212 O  "O3'" . DC  B 1 1  ? -4.383  -8.914  13.653  1.00 26.60 ? 11   DC  B "O3'" 1 
ATOM   213 C  "C2'" . DC  B 1 1  ? -4.497  -6.816  14.796  1.00 25.07 ? 11   DC  B "C2'" 1 
ATOM   214 C  "C1'" . DC  B 1 1  ? -3.719  -6.307  15.992  1.00 23.21 ? 11   DC  B "C1'" 1 
ATOM   215 N  N1    . DC  B 1 1  ? -2.938  -5.096  15.738  1.00 23.38 ? 11   DC  B N1    1 
ATOM   216 C  C2    . DC  B 1 1  ? -3.651  -3.889  15.631  1.00 16.29 ? 11   DC  B C2    1 
ATOM   217 O  O2    . DC  B 1 1  ? -4.885  -3.918  15.503  1.00 29.06 ? 11   DC  B O2    1 
ATOM   218 N  N3    . DC  B 1 1  ? -2.995  -2.712  15.674  1.00 20.56 ? 11   DC  B N3    1 
ATOM   219 C  C4    . DC  B 1 1  ? -1.666  -2.683  15.833  1.00 26.38 ? 11   DC  B C4    1 
ATOM   220 N  N4    . DC  B 1 1  ? -1.056  -1.490  15.851  1.00 30.86 ? 11   DC  B N4    1 
ATOM   221 C  C5    . DC  B 1 1  ? -0.912  -3.889  15.861  1.00 19.52 ? 11   DC  B C5    1 
ATOM   222 C  C6    . DC  B 1 1  ? -1.579  -5.046  15.817  1.00 17.18 ? 11   DC  B C6    1 
ATOM   223 P  P     . DC  B 1 2  ? -4.209  -9.284  12.108  1.00 28.09 ? 12   DC  B P     1 
ATOM   224 O  OP1   . DC  B 1 2  ? -4.875  -10.604 11.926  1.00 24.60 ? 12   DC  B OP1   1 
ATOM   225 O  OP2   . DC  B 1 2  ? -2.808  -9.132  11.640  1.00 25.33 ? 12   DC  B OP2   1 
ATOM   226 O  "O5'" . DC  B 1 2  ? -5.046  -8.149  11.336  1.00 23.88 ? 12   DC  B "O5'" 1 
ATOM   227 C  "C5'" . DC  B 1 2  ? -6.388  -7.878  11.811  1.00 24.67 ? 12   DC  B "C5'" 1 
ATOM   228 C  "C4'" . DC  B 1 2  ? -6.877  -6.564  11.221  1.00 21.67 ? 12   DC  B "C4'" 1 
ATOM   229 O  "O4'" . DC  B 1 2  ? -6.035  -5.551  11.841  1.00 22.52 ? 12   DC  B "O4'" 1 
ATOM   230 C  "C3'" . DC  B 1 2  ? -6.669  -6.437  9.709   1.00 17.91 ? 12   DC  B "C3'" 1 
ATOM   231 O  "O3'" . DC  B 1 2  ? -7.827  -5.857  9.156   1.00 25.75 ? 12   DC  B "O3'" 1 
ATOM   232 C  "C2'" . DC  B 1 2  ? -5.477  -5.508  9.538   1.00 18.20 ? 12   DC  B "C2'" 1 
ATOM   233 C  "C1'" . DC  B 1 2  ? -5.415  -4.768  10.834  1.00 24.60 ? 12   DC  B "C1'" 1 
ATOM   234 N  N1    . DC  B 1 2  ? -4.127  -4.316  11.343  1.00 22.58 ? 12   DC  B N1    1 
ATOM   235 C  C2    . DC  B 1 2  ? -4.028  -2.934  11.586  1.00 29.65 ? 12   DC  B C2    1 
ATOM   236 O  O2    . DC  B 1 2  ? -5.035  -2.229  11.362  1.00 27.85 ? 12   DC  B O2    1 
ATOM   237 N  N3    . DC  B 1 2  ? -2.856  -2.382  11.980  1.00 25.89 ? 12   DC  B N3    1 
ATOM   238 C  C4    . DC  B 1 2  ? -1.843  -3.196  12.251  1.00 21.21 ? 12   DC  B C4    1 
ATOM   239 N  N4    . DC  B 1 2  ? -0.715  -2.666  12.737  1.00 23.81 ? 12   DC  B N4    1 
ATOM   240 C  C5    . DC  B 1 2  ? -1.927  -4.610  12.056  1.00 22.46 ? 12   DC  B C5    1 
ATOM   241 C  C6    . DC  B 1 2  ? -3.084  -5.130  11.607  1.00 20.50 ? 12   DC  B C6    1 
ATOM   242 P  P     . DG  B 1 3  ? -8.176  -5.864  7.577   1.00 31.75 ? 13   DG  B P     1 
ATOM   243 O  OP1   . DG  B 1 3  ? -9.650  -5.663  7.525   1.00 32.36 ? 13   DG  B OP1   1 
ATOM   244 O  OP2   . DG  B 1 3  ? -7.527  -7.040  6.980   1.00 41.70 ? 13   DG  B OP2   1 
ATOM   245 O  "O5'" . DG  B 1 3  ? -7.426  -4.574  6.980   1.00 24.40 ? 13   DG  B "O5'" 1 
ATOM   246 C  "C5'" . DG  B 1 3  ? -7.671  -3.265  7.545   1.00 27.77 ? 13   DG  B "C5'" 1 
ATOM   247 C  "C4'" . DG  B 1 3  ? -6.750  -2.246  6.896   1.00 30.17 ? 13   DG  B "C4'" 1 
ATOM   248 O  "O4'" . DG  B 1 3  ? -5.418  -2.487  7.404   1.00 27.33 ? 13   DG  B "O4'" 1 
ATOM   249 C  "C3'" . DG  B 1 3  ? -6.618  -2.443  5.374   1.00 28.22 ? 13   DG  B "C3'" 1 
ATOM   250 O  "O3'" . DG  B 1 3  ? -6.239  -1.191  4.784   1.00 35.76 ? 13   DG  B "O3'" 1 
ATOM   251 C  "C2'" . DG  B 1 3  ? -5.441  -3.392  5.266   1.00 26.14 ? 13   DG  B "C2'" 1 
ATOM   252 C  "C1'" . DG  B 1 3  ? -4.524  -2.824  6.349   1.00 26.41 ? 13   DG  B "C1'" 1 
ATOM   253 N  N9    . DG  B 1 3  ? -3.553  -3.776  6.863   1.00 27.02 ? 13   DG  B N9    1 
ATOM   254 C  C8    . DG  B 1 3  ? -3.600  -5.138  6.643   1.00 25.30 ? 13   DG  B C8    1 
ATOM   255 N  N7    . DG  B 1 3  ? -2.696  -5.792  7.317   1.00 24.96 ? 13   DG  B N7    1 
ATOM   256 C  C5    . DG  B 1 3  ? -1.935  -4.798  7.922   1.00 25.57 ? 13   DG  B C5    1 
ATOM   257 C  C6    . DG  B 1 3  ? -0.828  -4.908  8.805   1.00 21.21 ? 13   DG  B C6    1 
ATOM   258 O  O6    . DG  B 1 3  ? -0.197  -5.911  9.171   1.00 26.34 ? 13   DG  B O6    1 
ATOM   259 N  N1    . DG  B 1 3  ? -0.380  -3.660  9.231   1.00 24.17 ? 13   DG  B N1    1 
ATOM   260 C  C2    . DG  B 1 3  ? -0.970  -2.462  8.890   1.00 29.94 ? 13   DG  B C2    1 
ATOM   261 N  N2    . DG  B 1 3  ? -0.452  -1.326  9.376   1.00 24.29 ? 13   DG  B N2    1 
ATOM   262 N  N3    . DG  B 1 3  ? -2.059  -2.353  8.156   1.00 20.16 ? 13   DG  B N3    1 
ATOM   263 C  C4    . DG  B 1 3  ? -2.474  -3.553  7.670   1.00 28.71 ? 13   DG  B C4    1 
ATOM   264 P  P     . DA  B 1 4  ? -6.979  -0.777  3.404   1.00 42.39 ? 14   DA  B P     1 
ATOM   265 O  OP1   . DA  B 1 4  ? -8.382  -1.274  3.520   1.00 40.33 ? 14   DA  B OP1   1 
ATOM   266 O  OP2   . DA  B 1 4  ? -6.122  -1.233  2.290   1.00 37.65 ? 14   DA  B OP2   1 
ATOM   267 O  "O5'" . DA  B 1 4  ? -6.975  0.809   3.435   1.00 31.40 ? 14   DA  B "O5'" 1 
ATOM   268 C  "C5'" . DA  B 1 4  ? -7.708  1.577   4.396   1.00 31.31 ? 14   DA  B "C5'" 1 
ATOM   269 C  "C4'" . DA  B 1 4  ? -7.128  2.917   4.712   1.00 33.12 ? 14   DA  B "C4'" 1 
ATOM   270 O  "O4'" . DA  B 1 4  ? -6.007  2.928   5.618   1.00 28.96 ? 14   DA  B "O4'" 1 
ATOM   271 C  "C3'" . DA  B 1 4  ? -6.762  3.846   3.558   1.00 26.56 ? 14   DA  B "C3'" 1 
ATOM   272 O  "O3'" . DA  B 1 4  ? -7.146  5.195   3.934   1.00 34.07 ? 14   DA  B "O3'" 1 
ATOM   273 C  "C2'" . DA  B 1 4  ? -5.245  3.834   3.554   1.00 26.96 ? 14   DA  B "C2'" 1 
ATOM   274 C  "C1'" . DA  B 1 4  ? -4.868  3.479   4.976   1.00 30.51 ? 14   DA  B "C1'" 1 
ATOM   275 N  N9    . DA  B 1 4  ? -3.705  2.597   5.056   1.00 26.55 ? 14   DA  B N9    1 
ATOM   276 C  C8    . DA  B 1 4  ? -3.669  1.226   5.060   1.00 31.93 ? 14   DA  B C8    1 
ATOM   277 N  N7    . DA  B 1 4  ? -2.479  0.700   4.862   1.00 32.64 ? 14   DA  B N7    1 
ATOM   278 C  C5    . DA  B 1 4  ? -1.671  1.820   4.797   1.00 24.65 ? 14   DA  B C5    1 
ATOM   279 C  C6    . DA  B 1 4  ? -0.288  1.935   4.571   1.00 29.32 ? 14   DA  B C6    1 
ATOM   280 N  N6    . DA  B 1 4  ? 0.479   0.845   4.480   1.00 24.31 ? 14   DA  B N6    1 
ATOM   281 N  N1    . DA  B 1 4  ? 0.235   3.181   4.617   1.00 28.84 ? 14   DA  B N1    1 
ATOM   282 C  C2    . DA  B 1 4  ? -0.583  4.229   4.758   1.00 23.09 ? 14   DA  B C2    1 
ATOM   283 N  N3    . DA  B 1 4  ? -1.906  4.255   4.922   1.00 23.88 ? 14   DA  B N3    1 
ATOM   284 C  C4    . DA  B 1 4  ? -2.393  2.998   4.903   1.00 21.62 ? 14   DA  B C4    1 
ATOM   285 P  P     . DA  B 1 5  ? -7.369  6.263   2.762   1.00 43.40 ? 15   DA  B P     1 
ATOM   286 O  OP1   . DA  B 1 5  ? -7.822  7.532   3.375   1.00 42.46 ? 15   DA  B OP1   1 
ATOM   287 O  OP2   . DA  B 1 5  ? -8.090  5.583   1.672   1.00 32.77 ? 15   DA  B OP2   1 
ATOM   288 O  "O5'" . DA  B 1 5  ? -5.894  6.522   2.178   1.00 39.79 ? 15   DA  B "O5'" 1 
ATOM   289 C  "C5'" . DA  B 1 5  ? -5.019  7.336   2.981   1.00 35.77 ? 15   DA  B "C5'" 1 
ATOM   290 C  "C4'" . DA  B 1 5  ? -3.660  7.359   2.333   1.00 33.16 ? 15   DA  B "C4'" 1 
ATOM   291 O  "O4'" . DA  B 1 5  ? -3.119  6.039   2.275   1.00 29.58 ? 15   DA  B "O4'" 1 
ATOM   292 C  "C3'" . DA  B 1 5  ? -3.624  7.901   0.897   1.00 34.83 ? 15   DA  B "C3'" 1 
ATOM   293 O  "O3'" . DA  B 1 5  ? -2.461  8.744   0.842   1.00 28.70 ? 15   DA  B "O3'" 1 
ATOM   294 C  "C2'" . DA  B 1 5  ? -3.374  6.681   0.030   1.00 28.18 ? 15   DA  B "C2'" 1 
ATOM   295 C  "C1'" . DA  B 1 5  ? -2.639  5.734   0.973   1.00 23.54 ? 15   DA  B "C1'" 1 
ATOM   296 N  N9    . DA  B 1 5  ? -2.998  4.330   0.742   1.00 21.88 ? 15   DA  B N9    1 
ATOM   297 C  C8    . DA  B 1 5  ? -4.217  3.727   0.535   1.00 20.43 ? 15   DA  B C8    1 
ATOM   298 N  N7    . DA  B 1 5  ? -4.122  2.413   0.541   1.00 30.15 ? 15   DA  B N7    1 
ATOM   299 C  C5    . DA  B 1 5  ? -2.792  2.143   0.837   1.00 29.01 ? 15   DA  B C5    1 
ATOM   300 C  C6    . DA  B 1 5  ? -2.028  0.981   1.023   1.00 26.12 ? 15   DA  B C6    1 
ATOM   301 N  N6    . DA  B 1 5  ? -2.533  -0.249  0.920   1.00 26.79 ? 15   DA  B N6    1 
ATOM   302 N  N1    . DA  B 1 5  ? -0.684  1.056   1.218   1.00 31.45 ? 15   DA  B N1    1 
ATOM   303 C  C2    . DA  B 1 5  ? -0.154  2.286   1.290   1.00 29.16 ? 15   DA  B C2    1 
ATOM   304 N  N3    . DA  B 1 5  ? -0.762  3.462   1.161   1.00 31.17 ? 15   DA  B N3    1 
ATOM   305 C  C4    . DA  B 1 5  ? -2.086  3.321   0.950   1.00 24.83 ? 15   DA  B C4    1 
HETATM 306 N  N1    . BRU B 1 6  ? 0.300   4.421   -2.218  1.00 25.88 ? 16   BRU B N1    1 
HETATM 307 C  C2    . BRU B 1 6  ? 0.843   3.182   -2.038  1.00 27.10 ? 16   BRU B C2    1 
HETATM 308 N  N3    . BRU B 1 6  ? -0.025  2.107   -2.134  1.00 25.88 ? 16   BRU B N3    1 
HETATM 309 C  C4    . BRU B 1 6  ? -1.385  2.212   -2.355  1.00 27.65 ? 16   BRU B C4    1 
HETATM 310 C  C5    . BRU B 1 6  ? -1.860  3.555   -2.615  1.00 32.29 ? 16   BRU B C5    1 
HETATM 311 C  C6    . BRU B 1 6  ? -1.054  4.593   -2.429  1.00 17.34 ? 16   BRU B C6    1 
HETATM 312 O  O2    . BRU B 1 6  ? 2.026   3.004   -1.805  1.00 33.63 ? 16   BRU B O2    1 
HETATM 313 O  O4    . BRU B 1 6  ? -2.110  1.234   -2.494  1.00 30.83 ? 16   BRU B O4    1 
HETATM 314 BR BR    . BRU B 1 6  ? -3.687  3.802   -2.902  1.00 34.12 ? 16   BRU B BR    1 
HETATM 315 C  "C1'" . BRU B 1 6  ? 1.161   5.617   -2.145  1.00 24.16 ? 16   BRU B "C1'" 1 
HETATM 316 C  "C2'" . BRU B 1 6  ? 1.019   6.674   -3.225  1.00 30.42 ? 16   BRU B "C2'" 1 
HETATM 317 C  "C3'" . BRU B 1 6  ? 1.512   7.917   -2.512  1.00 21.83 ? 16   BRU B "C3'" 1 
HETATM 318 C  "C4'" . BRU B 1 6  ? 1.164   7.658   -1.038  1.00 33.98 ? 16   BRU B "C4'" 1 
HETATM 319 O  "O3'" . BRU B 1 6  ? 2.953   7.945   -2.510  1.00 33.11 ? 16   BRU B "O3'" 1 
HETATM 320 O  "O4'" . BRU B 1 6  ? 0.762   6.285   -0.950  1.00 34.55 ? 16   BRU B "O4'" 1 
HETATM 321 C  "C5'" . BRU B 1 6  ? 0.206   8.594   -0.397  1.00 31.26 ? 16   BRU B "C5'" 1 
HETATM 322 O  "O5'" . BRU B 1 6  ? -0.966  8.833   -1.175  1.00 38.16 ? 16   BRU B "O5'" 1 
HETATM 323 P  P     . BRU B 1 6  ? -2.201  9.608   -0.502  1.00 36.44 ? 16   BRU B P     1 
HETATM 324 O  OP1   . BRU B 1 6  ? -1.771  10.950  -0.086  1.00 33.04 ? 16   BRU B OP1   1 
HETATM 325 O  OP2   . BRU B 1 6  ? -3.326  9.332   -1.426  1.00 34.24 ? 16   BRU B OP2   1 
ATOM   326 P  P     . DG  B 1 7  ? 3.706   8.510   -3.800  1.00 38.03 ? 17   DG  B P     1 
ATOM   327 O  OP1   . DG  B 1 7  ? 4.911   9.228   -3.345  1.00 39.28 ? 17   DG  B OP1   1 
ATOM   328 O  OP2   . DG  B 1 7  ? 2.714   9.150   -4.695  1.00 25.13 ? 17   DG  B OP2   1 
ATOM   329 O  "O5'" . DG  B 1 7  ? 4.095   7.156   -4.568  1.00 30.24 ? 17   DG  B "O5'" 1 
ATOM   330 C  "C5'" . DG  B 1 7  ? 4.749   6.055   -3.931  1.00 30.69 ? 17   DG  B "C5'" 1 
ATOM   331 C  "C4'" . DG  B 1 7  ? 4.698   4.839   -4.845  1.00 28.32 ? 17   DG  B "C4'" 1 
ATOM   332 O  "O4'" . DG  B 1 7  ? 3.330   4.386   -4.974  1.00 27.85 ? 17   DG  B "O4'" 1 
ATOM   333 C  "C3'" . DG  B 1 7  ? 5.200   5.059   -6.254  1.00 28.73 ? 17   DG  B "C3'" 1 
ATOM   334 O  "O3'" . DG  B 1 7  ? 5.820   3.861   -6.764  1.00 25.65 ? 17   DG  B "O3'" 1 
ATOM   335 C  "C2'" . DG  B 1 7  ? 3.942   5.263   -7.071  1.00 31.08 ? 17   DG  B "C2'" 1 
ATOM   336 C  "C1'" . DG  B 1 7  ? 2.954   4.368   -6.343  1.00 31.78 ? 17   DG  B "C1'" 1 
ATOM   337 N  N9    . DG  B 1 7  ? 1.543   4.726   -6.430  1.00 27.31 ? 17   DG  B N9    1 
ATOM   338 C  C8    . DG  B 1 7  ? 1.048   5.992   -6.668  1.00 34.43 ? 17   DG  B C8    1 
ATOM   339 N  N7    . DG  B 1 7  ? -0.261  6.047   -6.610  1.00 29.94 ? 17   DG  B N7    1 
ATOM   340 C  C5    . DG  B 1 7  ? -0.652  4.731   -6.399  1.00 28.45 ? 17   DG  B C5    1 
ATOM   341 C  C6    . DG  B 1 7  ? -1.943  4.172   -6.215  1.00 29.53 ? 17   DG  B C6    1 
ATOM   342 O  O6    . DG  B 1 7  ? -3.046  4.719   -6.364  1.00 35.86 ? 17   DG  B O6    1 
ATOM   343 N  N1    . DG  B 1 7  ? -1.885  2.813   -5.930  1.00 26.56 ? 17   DG  B N1    1 
ATOM   344 C  C2    . DG  B 1 7  ? -0.728  2.085   -5.781  1.00 29.70 ? 17   DG  B C2    1 
ATOM   345 N  N2    . DG  B 1 7  ? -0.801  0.782   -5.496  1.00 29.31 ? 17   DG  B N2    1 
ATOM   346 N  N3    . DG  B 1 7  ? 0.467   2.627   -5.815  1.00 22.17 ? 17   DG  B N3    1 
ATOM   347 C  C4    . DG  B 1 7  ? 0.456   3.932   -6.179  1.00 28.60 ? 17   DG  B C4    1 
ATOM   348 P  P     . DA  B 1 8  ? 7.215   4.101   -7.550  1.00 36.05 ? 18   DA  B P     1 
ATOM   349 O  OP1   . DA  B 1 8  ? 8.049   5.002   -6.722  1.00 33.59 ? 18   DA  B OP1   1 
ATOM   350 O  OP2   . DA  B 1 8  ? 6.895   4.481   -8.949  1.00 32.64 ? 18   DA  B OP2   1 
ATOM   351 O  "O5'" . DA  B 1 8  ? 7.846   2.649   -7.542  1.00 30.85 ? 18   DA  B "O5'" 1 
ATOM   352 C  "C5'" . DA  B 1 8  ? 8.208   2.013   -6.296  1.00 30.02 ? 18   DA  B "C5'" 1 
ATOM   353 C  "C4'" . DA  B 1 8  ? 8.591   0.587   -6.546  1.00 36.39 ? 18   DA  B "C4'" 1 
ATOM   354 O  "O4'" . DA  B 1 8  ? 7.404   -0.230  -6.656  1.00 38.05 ? 18   DA  B "O4'" 1 
ATOM   355 C  "C3'" . DA  B 1 8  ? 9.358   0.351   -7.854  1.00 33.05 ? 18   DA  B "C3'" 1 
ATOM   356 O  "O3'" . DA  B 1 8  ? 10.073  -0.887  -7.640  1.00 34.61 ? 18   DA  B "O3'" 1 
ATOM   357 C  "C2'" . DA  B 1 8  ? 8.244   0.050   -8.839  1.00 37.62 ? 18   DA  B "C2'" 1 
ATOM   358 C  "C1'" . DA  B 1 8  ? 7.271   -0.736  -7.979  1.00 29.40 ? 18   DA  B "C1'" 1 
ATOM   359 N  N9    . DA  B 1 8  ? 5.864   -0.562  -8.337  1.00 28.30 ? 18   DA  B N9    1 
ATOM   360 C  C8    . DA  B 1 8  ? 5.079   0.568   -8.240  1.00 29.17 ? 18   DA  B C8    1 
ATOM   361 N  N7    . DA  B 1 8  ? 3.851   0.393   -8.679  1.00 27.71 ? 18   DA  B N7    1 
ATOM   362 C  C5    . DA  B 1 8  ? 3.827   -0.959  -8.996  1.00 19.77 ? 18   DA  B C5    1 
ATOM   363 C  C6    . DA  B 1 8  ? 2.816   -1.801  -9.483  1.00 23.98 ? 18   DA  B C6    1 
ATOM   364 N  N6    . DA  B 1 8  ? 1.605   -1.282  -9.742  1.00 25.32 ? 18   DA  B N6    1 
ATOM   365 N  N1    . DA  B 1 8  ? 3.103   -3.099  -9.609  1.00 28.19 ? 18   DA  B N1    1 
ATOM   366 C  C2    . DA  B 1 8  ? 4.338   -3.599  -9.313  1.00 16.72 ? 18   DA  B C2    1 
ATOM   367 N  N3    . DA  B 1 8  ? 5.352   -2.864  -8.853  1.00 26.10 ? 18   DA  B N3    1 
ATOM   368 C  C4    . DA  B 1 8  ? 5.025   -1.579  -8.709  1.00 24.58 ? 18   DA  B C4    1 
ATOM   369 P  P     . DG  B 1 9  ? 11.296  -1.203  -8.652  1.00 41.34 ? 19   DG  B P     1 
ATOM   370 O  OP1   . DG  B 1 9  ? 12.233  -2.025  -7.867  1.00 36.95 ? 19   DG  B OP1   1 
ATOM   371 O  OP2   . DG  B 1 9  ? 11.650  0.071   -9.303  1.00 25.09 ? 19   DG  B OP2   1 
ATOM   372 O  "O5'" . DG  B 1 9  ? 10.568  -2.087  -9.783  1.00 39.17 ? 19   DG  B "O5'" 1 
ATOM   373 C  "C5'" . DG  B 1 9  ? 9.793   -3.212  -9.332  1.00 30.64 ? 19   DG  B "C5'" 1 
ATOM   374 C  "C4'" . DG  B 1 9  ? 9.059   -3.899  -10.452 1.00 27.98 ? 19   DG  B "C4'" 1 
ATOM   375 O  "O4'" . DG  B 1 9  ? 7.914   -3.085  -10.809 1.00 27.25 ? 19   DG  B "O4'" 1 
ATOM   376 C  "C3'" . DG  B 1 9  ? 9.883   -4.081  -11.729 1.00 20.89 ? 19   DG  B "C3'" 1 
ATOM   377 O  "O3'" . DG  B 1 9  ? 9.483   -5.331  -12.305 1.00 27.24 ? 19   DG  B "O3'" 1 
ATOM   378 C  "C2'" . DG  B 1 9  ? 9.391   -2.935  -12.590 1.00 24.11 ? 19   DG  B "C2'" 1 
ATOM   379 C  "C1'" . DG  B 1 9  ? 7.925   -2.804  -12.202 1.00 27.18 ? 19   DG  B "C1'" 1 
ATOM   380 N  N9    . DG  B 1 9  ? 7.393   -1.448  -12.349 1.00 28.71 ? 19   DG  B N9    1 
ATOM   381 C  C8    . DG  B 1 9  ? 8.075   -0.265  -12.291 1.00 27.63 ? 19   DG  B C8    1 
ATOM   382 N  N7    . DG  B 1 9  ? 7.294   0.783   -12.367 1.00 34.32 ? 19   DG  B N7    1 
ATOM   383 C  C5    . DG  B 1 9  ? 6.018   0.266   -12.517 1.00 28.25 ? 19   DG  B C5    1 
ATOM   384 C  C6    . DG  B 1 9  ? 4.730   0.886   -12.495 1.00 30.60 ? 19   DG  B C6    1 
ATOM   385 O  O6    . DG  B 1 9  ? 4.517   2.103   -12.463 1.00 31.23 ? 19   DG  B O6    1 
ATOM   386 N  N1    . DG  B 1 9  ? 3.692   -0.039  -12.610 1.00 30.35 ? 19   DG  B N1    1 
ATOM   387 C  C2    . DG  B 1 9  ? 3.866   -1.409  -12.632 1.00 32.68 ? 19   DG  B C2    1 
ATOM   388 N  N2    . DG  B 1 9  ? 2.761   -2.178  -12.728 1.00 28.43 ? 19   DG  B N2    1 
ATOM   389 N  N3    . DG  B 1 9  ? 5.044   -2.000  -12.513 1.00 25.53 ? 19   DG  B N3    1 
ATOM   390 C  C4    . DG  B 1 9  ? 6.059   -1.122  -12.504 1.00 28.69 ? 19   DG  B C4    1 
ATOM   391 P  P     . DG  B 1 10 ? 10.238  -6.711  -12.087 1.00 29.04 ? 20   DG  B P     1 
ATOM   392 O  OP1   . DG  B 1 10 ? 9.246   -7.712  -11.615 1.00 37.50 ? 20   DG  B OP1   1 
ATOM   393 O  OP2   . DG  B 1 10 ? 11.475  -6.468  -11.314 1.00 30.71 ? 20   DG  B OP2   1 
ATOM   394 O  "O5'" . DG  B 1 10 ? 10.679  -7.119  -13.567 1.00 28.58 ? 20   DG  B "O5'" 1 
ATOM   395 C  "C5'" . DG  B 1 10 ? 11.667  -6.338  -14.265 1.00 31.31 ? 20   DG  B "C5'" 1 
ATOM   396 C  "C4'" . DG  B 1 10 ? 11.692  -6.501  -15.764 1.00 30.60 ? 20   DG  B "C4'" 1 
ATOM   397 O  "O4'" . DG  B 1 10 ? 10.460  -6.011  -16.358 1.00 23.77 ? 20   DG  B "O4'" 1 
ATOM   398 C  "C3'" . DG  B 1 10 ? 12.809  -5.725  -16.454 1.00 26.15 ? 20   DG  B "C3'" 1 
ATOM   399 O  "O3'" . DG  B 1 10 ? 14.026  -6.473  -16.597 1.00 24.02 ? 20   DG  B "O3'" 1 
ATOM   400 C  "C2'" . DG  B 1 10 ? 12.267  -5.253  -17.755 1.00 25.39 ? 20   DG  B "C2'" 1 
ATOM   401 C  "C1'" . DG  B 1 10 ? 10.751  -5.343  -17.594 1.00 25.21 ? 20   DG  B "C1'" 1 
ATOM   402 N  N9    . DG  B 1 10 ? 10.076  -4.051  -17.503 1.00 26.04 ? 20   DG  B N9    1 
ATOM   403 C  C8    . DG  B 1 10 ? 8.920   -3.681  -18.162 1.00 24.03 ? 20   DG  B C8    1 
ATOM   404 N  N7    . DG  B 1 10 ? 8.615   -2.432  -17.961 1.00 27.11 ? 20   DG  B N7    1 
ATOM   405 C  C5    . DG  B 1 10 ? 9.535   -1.990  -17.017 1.00 27.33 ? 20   DG  B C5    1 
ATOM   406 C  C6    . DG  B 1 10 ? 9.598   -0.766  -16.312 1.00 24.24 ? 20   DG  B C6    1 
ATOM   407 O  O6    . DG  B 1 10 ? 8.890   0.246   -16.420 1.00 29.91 ? 20   DG  B O6    1 
ATOM   408 N  N1    . DG  B 1 10 ? 10.678  -0.714  -15.429 1.00 22.99 ? 20   DG  B N1    1 
ATOM   409 C  C2    . DG  B 1 10 ? 11.536  -1.771  -15.207 1.00 24.85 ? 20   DG  B C2    1 
ATOM   410 N  N2    . DG  B 1 10 ? 12.501  -1.543  -14.302 1.00 25.63 ? 20   DG  B N2    1 
ATOM   411 N  N3    . DG  B 1 10 ? 11.499  -2.907  -15.882 1.00 25.26 ? 20   DG  B N3    1 
ATOM   412 C  C4    . DG  B 1 10 ? 10.401  -3.006  -16.667 1.00 25.17 ? 20   DG  B C4    1 
HETATM 413 N  N1    . SPM C 2 .  ? 6.197   -6.144  6.217   0.50 38.90 ? 24   SPM A N1    1 
HETATM 414 C  C2    . SPM C 2 .  ? 5.021   -6.672  7.081   0.50 47.35 ? 24   SPM A C2    1 
HETATM 415 C  C3    . SPM C 2 .  ? 4.068   -7.451  6.186   0.50 52.31 ? 24   SPM A C3    1 
HETATM 416 C  C4    . SPM C 2 .  ? 3.286   -8.454  7.021   0.50 50.41 ? 24   SPM A C4    1 
HETATM 417 N  N5    . SPM C 2 .  ? 1.772   -8.117  6.941   0.50 45.24 ? 24   SPM A N5    1 
HETATM 418 C  C6    . SPM C 2 .  ? 0.976   -9.226  7.686   0.50 50.37 ? 24   SPM A C6    1 
HETATM 419 C  C7    . SPM C 2 .  ? -0.377  -8.661  8.099   0.50 47.49 ? 24   SPM A C7    1 
HETATM 420 C  C8    . SPM C 2 .  ? -1.462  -9.728  8.121   0.50 47.49 ? 24   SPM A C8    1 
HETATM 421 C  C9    . SPM C 2 .  ? -2.861  -9.125  8.135   0.50 50.37 ? 24   SPM A C9    1 
HETATM 422 N  N10   . SPM C 2 .  ? -3.827  -10.092 7.394   0.50 45.24 ? 24   SPM A N10   1 
HETATM 423 C  C11   . SPM C 2 .  ? -5.277  -9.808  7.872   0.50 50.41 ? 24   SPM A C11   1 
HETATM 424 C  C12   . SPM C 2 .  ? -6.247  -10.654 7.061   0.50 52.31 ? 24   SPM A C12   1 
HETATM 425 C  C13   . SPM C 2 .  ? -6.992  -11.607 7.986   0.50 47.35 ? 24   SPM A C13   1 
HETATM 426 N  N14   . SPM C 2 .  ? -8.343  -11.988 7.323   0.50 38.90 ? 24   SPM A N14   1 
HETATM 427 MG MG    . MG  D 3 .  ? -5.132  11.230  15.536  1.00 41.06 ? 21   MG  A MG    1 
HETATM 428 MG MG    . MG  E 3 .  ? 1.950   2.547   13.569  1.00 35.87 ? 22   MG  A MG    1 
HETATM 429 NA NA    . NA  F 4 .  ? -2.571  8.229   -3.052  1.00 55.86 ? 25   NA  B NA    1 
HETATM 430 MG MG    . MG  G 3 .  ? 7.348   -8.391  -11.384 0.50 31.83 ? 23   MG  B MG    1 
HETATM 431 O  O     . HOH H 5 .  ? 2.027   5.930   -10.427 1.00 30.56 ? 1004 HOH A O     1 
HETATM 432 O  O     . HOH H 5 .  ? -6.321  3.773   11.955  1.00 39.43 ? 1005 HOH A O     1 
HETATM 433 O  O     . HOH H 5 .  ? 6.121   1.684   -2.510  1.00 37.14 ? 1006 HOH A O     1 
HETATM 434 O  O     . HOH H 5 .  ? 1.332   6.360   -12.657 1.00 30.33 ? 1011 HOH A O     1 
HETATM 435 O  O     . HOH H 5 .  ? -1.702  4.633   16.923  1.00 49.39 ? 1012 HOH A O     1 
HETATM 436 O  O     . HOH H 5 .  ? -2.935  -4.973  3.079   1.00 43.20 ? 1013 HOH A O     1 
HETATM 437 O  O     . HOH H 5 .  ? -1.698  7.744   -8.870  1.00 34.02 ? 1015 HOH A O     1 
HETATM 438 O  O     . HOH H 5 .  ? -2.358  11.735  8.658   1.00 39.92 ? 1017 HOH A O     1 
HETATM 439 O  O     . HOH H 5 .  ? -7.869  1.200   9.036   1.00 51.00 ? 1018 HOH A O     1 
HETATM 440 O  O     . HOH H 5 .  ? 5.736   -0.627  -0.142  1.00 34.45 ? 1021 HOH A O     1 
HETATM 441 O  O     . HOH H 5 .  ? -4.982  6.650   7.987   1.00 38.53 ? 1023 HOH A O     1 
HETATM 442 O  O     . HOH H 5 .  ? -5.720  -5.658  -9.664  1.00 43.42 ? 1026 HOH A O     1 
HETATM 443 O  O     . HOH H 5 .  ? -4.407  -2.309  -3.623  1.00 47.01 ? 1030 HOH A O     1 
HETATM 444 O  O     . HOH H 5 .  ? -6.331  -0.051  -8.585  1.00 40.42 ? 1031 HOH A O     1 
HETATM 445 O  O     A HOH H 5 .  ? 5.091   4.351   5.670   0.50 22.60 ? 1034 HOH A O     1 
HETATM 446 O  O     B HOH H 5 .  ? 6.840   3.639   4.932   0.50 34.15 ? 1034 HOH A O     1 
HETATM 447 O  O     . HOH H 5 .  ? -11.811 4.653   17.753  1.00 46.65 ? 1036 HOH A O     1 
HETATM 448 O  O     . HOH H 5 .  ? -3.855  -6.681  -8.781  1.00 41.02 ? 1037 HOH A O     1 
HETATM 449 O  O     . HOH H 5 .  ? -2.494  -4.692  -16.248 1.00 42.05 ? 1038 HOH A O     1 
HETATM 450 O  O     . HOH H 5 .  ? -5.904  -1.223  -5.370  1.00 46.97 ? 1041 HOH A O     1 
HETATM 451 O  O     . HOH H 5 .  ? -1.718  -8.528  1.137   0.50 49.17 ? 1042 HOH A O     1 
HETATM 452 O  O     . HOH H 5 .  ? -4.627  -4.057  -16.562 1.00 51.34 ? 1045 HOH A O     1 
HETATM 453 O  O     . HOH H 5 .  ? 10.150  -1.702  8.814   0.50 36.94 ? 1046 HOH A O     1 
HETATM 454 O  O     . HOH H 5 .  ? -4.331  -6.602  -13.055 0.50 50.89 ? 1048 HOH A O     1 
HETATM 455 O  O     . HOH H 5 .  ? -6.958  -2.313  -8.330  1.00 51.53 ? 1050 HOH A O     1 
HETATM 456 O  O     . HOH H 5 .  ? -6.712  6.795   11.101  0.50 38.73 ? 1051 HOH A O     1 
HETATM 457 O  O     . HOH H 5 .  ? -2.948  -2.682  -17.805 1.00 54.32 ? 1052 HOH A O     1 
HETATM 458 O  O     . HOH H 5 .  ? -2.088  13.793  16.644  0.50 40.26 ? 1054 HOH A O     1 
HETATM 459 O  O     . HOH H 5 .  ? -6.369  -3.515  -3.923  1.00 45.59 ? 1055 HOH A O     1 
HETATM 460 O  O     . HOH H 5 .  ? -0.543  -3.193  -15.071 1.00 52.79 ? 1058 HOH A O     1 
HETATM 461 O  O     . HOH H 5 .  ? 6.322   -3.988  -6.225  1.00 52.33 ? 1059 HOH A O     1 
HETATM 462 O  O     . HOH H 5 .  ? 11.019  -1.579  4.592   0.50 27.86 ? 1060 HOH A O     1 
HETATM 463 O  O     . HOH H 5 .  ? -6.035  -4.967  -5.620  1.00 48.43 ? 1061 HOH A O     1 
HETATM 464 O  O     . HOH H 5 .  ? 0.738   7.431   15.733  1.00 47.94 ? 1063 HOH A O     1 
HETATM 465 O  O     . HOH H 5 .  ? -7.890  -6.846  -6.932  1.00 58.12 ? 1064 HOH A O     1 
HETATM 466 O  O     . HOH H 5 .  ? -8.467  0.451   13.202  1.00 44.25 ? 1065 HOH A O     1 
HETATM 467 O  O     . HOH H 5 .  ? 3.911   -6.557  3.494   0.50 40.11 ? 1069 HOH A O     1 
HETATM 468 O  O     . HOH H 5 .  ? 9.091   -0.126  -0.429  0.50 28.82 ? 1072 HOH A O     1 
HETATM 469 O  O     . HOH H 5 .  ? 10.234  0.158   7.900   0.50 33.85 ? 1073 HOH A O     1 
HETATM 470 O  O     . HOH H 5 .  ? 6.264   -2.779  8.908   1.00 40.90 ? 1074 HOH A O     1 
HETATM 471 O  O     . HOH H 5 .  ? -1.449  -5.177  -2.224  0.50 36.20 ? 1075 HOH A O     1 
HETATM 472 O  O     . HOH H 5 .  ? 1.537   7.093   13.151  1.00 51.40 ? 1076 HOH A O     1 
HETATM 473 O  O     . HOH H 5 .  ? -2.536  -0.270  -17.281 0.50 42.05 ? 1077 HOH A O     1 
HETATM 474 O  O     . HOH H 5 .  ? -4.287  10.078  17.021  1.00 44.63 ? 1078 HOH A O     1 
HETATM 475 O  O     . HOH H 5 .  ? -5.961  12.338  14.017  1.00 30.04 ? 1079 HOH A O     1 
HETATM 476 O  O     . HOH H 5 .  ? -3.320  11.178  14.542  1.00 56.29 ? 1080 HOH A O     1 
HETATM 477 O  O     . HOH H 5 .  ? -4.514  12.953  16.484  1.00 65.88 ? 1081 HOH A O     1 
HETATM 478 O  O     . HOH H 5 .  ? -6.913  11.308  16.568  1.00 33.19 ? 1082 HOH A O     1 
HETATM 479 O  O     . HOH H 5 .  ? 2.525   4.158   12.428  1.00 43.39 ? 1083 HOH A O     1 
HETATM 480 O  O     . HOH H 5 .  ? 1.434   0.896   14.705  1.00 28.22 ? 1084 HOH A O     1 
HETATM 481 O  O     . HOH H 5 .  ? 1.662   3.796   15.193  1.00 34.67 ? 1085 HOH A O     1 
HETATM 482 O  O     . HOH H 5 .  ? 3.911   2.287   14.168  1.00 42.14 ? 1086 HOH A O     1 
HETATM 483 O  O     . HOH H 5 .  ? 2.286   1.280   11.977  1.00 28.78 ? 1087 HOH A O     1 
HETATM 484 O  O     A HOH I 5 .  ? 0.844   -5.672  -11.468 0.50 17.88 ? 1001 HOH B O     1 
HETATM 485 O  O     B HOH I 5 .  ? 0.907   -4.013  -10.801 0.50 36.50 ? 1001 HOH B O     1 
HETATM 486 O  O     . HOH I 5 .  ? 4.957   -4.759  -12.516 1.00 28.15 ? 1003 HOH B O     1 
HETATM 487 O  O     . HOH I 5 .  ? 0.880   -7.362  16.801  1.00 28.52 ? 1007 HOH B O     1 
HETATM 488 O  O     . HOH I 5 .  ? -0.320  -8.026  12.299  1.00 32.06 ? 1008 HOH B O     1 
HETATM 489 O  O     . HOH I 5 .  ? -4.003  0.964   -5.286  1.00 34.45 ? 1009 HOH B O     1 
HETATM 490 O  O     . HOH I 5 .  ? 0.501   11.504  -0.977  1.00 40.66 ? 1010 HOH B O     1 
HETATM 491 O  O     . HOH I 5 .  ? -1.890  7.687   -5.827  1.00 37.61 ? 1014 HOH B O     1 
HETATM 492 O  O     . HOH I 5 .  ? -10.677 -5.531  10.562  1.00 50.89 ? 1016 HOH B O     1 
HETATM 493 O  O     . HOH I 5 .  ? -7.651  -1.248  11.148  1.00 48.61 ? 1019 HOH B O     1 
HETATM 494 O  O     . HOH I 5 .  ? 6.860   -5.216  -8.306  1.00 42.86 ? 1020 HOH B O     1 
HETATM 495 O  O     . HOH I 5 .  ? -2.980  6.795   5.632   1.00 41.09 ? 1022 HOH B O     1 
HETATM 496 O  O     . HOH I 5 .  ? 1.585   9.081   -6.854  0.50 34.12 ? 1024 HOH B O     1 
HETATM 497 O  O     . HOH I 5 .  ? 8.628   4.970   -4.096  1.00 50.41 ? 1025 HOH B O     1 
HETATM 498 O  O     . HOH I 5 .  ? 6.918   7.715   -9.512  1.00 46.55 ? 1027 HOH B O     1 
HETATM 499 O  O     A HOH I 5 .  ? 6.117   -8.514  -8.174  0.50 18.06 ? 1028 HOH B O     1 
HETATM 500 O  O     B HOH I 5 .  ? 4.886   -7.209  -8.083  0.50 23.08 ? 1028 HOH B O     1 
HETATM 501 O  O     . HOH I 5 .  ? -5.857  0.466   0.119   1.00 47.71 ? 1032 HOH B O     1 
HETATM 502 O  O     . HOH I 5 .  ? 4.947   9.589   -0.457  1.00 45.75 ? 1033 HOH B O     1 
HETATM 503 O  O     . HOH I 5 .  ? -7.316  -11.512 11.536  1.00 42.69 ? 1039 HOH B O     1 
HETATM 504 O  O     . HOH I 5 .  ? -7.194  9.010   5.676   1.00 50.36 ? 1040 HOH B O     1 
HETATM 505 O  O     . HOH I 5 .  ? 4.747   4.220   -10.514 1.00 41.71 ? 1043 HOH B O     1 
HETATM 506 O  O     . HOH I 5 .  ? 11.606  6.838   -2.849  1.00 53.89 ? 1044 HOH B O     1 
HETATM 507 O  O     . HOH I 5 .  ? 11.053  2.197   -14.232 1.00 48.87 ? 1047 HOH B O     1 
HETATM 508 O  O     . HOH I 5 .  ? -3.942  13.777  -2.969  1.00 56.55 ? 1049 HOH B O     1 
HETATM 509 O  O     . HOH I 5 .  ? 12.209  1.245   -5.179  0.50 36.40 ? 1053 HOH B O     1 
HETATM 510 O  O     A HOH I 5 .  ? -5.568  -7.078  4.450   0.50 34.07 ? 1056 HOH B O     1 
HETATM 511 O  O     B HOH I 5 .  ? 2.580   -9.045  4.164   0.50 32.79 ? 1056 HOH B O     1 
HETATM 512 O  O     . HOH I 5 .  ? 11.347  5.051   -5.044  0.50 52.62 ? 1062 HOH B O     1 
HETATM 513 O  O     . HOH I 5 .  ? -2.416  13.193  -1.280  1.00 52.53 ? 1066 HOH B O     1 
HETATM 514 O  O     . HOH I 5 .  ? 9.549   3.614   -15.096 0.50 42.12 ? 1067 HOH B O     1 
HETATM 515 O  O     . HOH I 5 .  ? -7.792  1.733   -1.147  0.50 34.84 ? 1068 HOH B O     1 
HETATM 516 O  O     . HOH I 5 .  ? -4.363  9.621   -6.121  0.50 49.87 ? 1070 HOH B O     1 
HETATM 517 O  O     . HOH I 5 .  ? 9.837   8.234   -9.515  0.50 43.77 ? 1071 HOH B O     1 
HETATM 518 O  O     . HOH I 5 .  ? 7.680   -10.406 -11.623 0.50 46.10 ? 1088 HOH B O     1 
HETATM 519 O  O     . HOH I 5 .  ? 7.014   -6.374  -11.160 0.50 46.10 ? 1089 HOH B O     1 
HETATM 520 O  O     . HOH I 5 .  ? 7.582   -8.586  -9.344  0.50 41.79 ? 1090 HOH B O     1 
HETATM 521 O  O     . HOH I 5 .  ? 7.115   -8.196  -13.423 0.50 73.53 ? 1091 HOH B O     1 
# 
loop_
_pdbx_poly_seq_scheme.asym_id 
_pdbx_poly_seq_scheme.entity_id 
_pdbx_poly_seq_scheme.seq_id 
_pdbx_poly_seq_scheme.mon_id 
_pdbx_poly_seq_scheme.ndb_seq_num 
_pdbx_poly_seq_scheme.pdb_seq_num 
_pdbx_poly_seq_scheme.auth_seq_num 
_pdbx_poly_seq_scheme.pdb_mon_id 
_pdbx_poly_seq_scheme.auth_mon_id 
_pdbx_poly_seq_scheme.pdb_strand_id 
_pdbx_poly_seq_scheme.pdb_ins_code 
_pdbx_poly_seq_scheme.hetero 
A 1 1  DC  1  1  1  DC  C  A . n 
A 1 2  DC  2  2  2  DC  C  A . n 
A 1 3  DG  3  3  3  DG  G  A . n 
A 1 4  DA  4  4  4  DA  A  A . n 
A 1 5  DA  5  5  5  DA  A  A . n 
A 1 6  BRU 6  6  6  BRU +U A . n 
A 1 7  DG  7  7  7  DG  G  A . n 
A 1 8  DA  8  8  8  DA  A  A . n 
A 1 9  DG  9  9  9  DG  G  A . n 
A 1 10 DG  10 10 10 DG  G  A . n 
B 1 1  DC  1  11 11 DC  C  B . n 
B 1 2  DC  2  12 12 DC  C  B . n 
B 1 3  DG  3  13 13 DG  G  B . n 
B 1 4  DA  4  14 14 DA  A  B . n 
B 1 5  DA  5  15 15 DA  A  B . n 
B 1 6  BRU 6  16 16 BRU +U B . n 
B 1 7  DG  7  17 17 DG  G  B . n 
B 1 8  DA  8  18 18 DA  A  B . n 
B 1 9  DG  9  19 19 DG  G  B . n 
B 1 10 DG  10 20 20 DG  G  B . n 
# 
loop_
_pdbx_nonpoly_scheme.asym_id 
_pdbx_nonpoly_scheme.entity_id 
_pdbx_nonpoly_scheme.mon_id 
_pdbx_nonpoly_scheme.ndb_seq_num 
_pdbx_nonpoly_scheme.pdb_seq_num 
_pdbx_nonpoly_scheme.auth_seq_num 
_pdbx_nonpoly_scheme.pdb_mon_id 
_pdbx_nonpoly_scheme.auth_mon_id 
_pdbx_nonpoly_scheme.pdb_strand_id 
_pdbx_nonpoly_scheme.pdb_ins_code 
C 2 SPM 1  24   24   SPM SPM A . 
D 3 MG  1  21   21   MG  MO5 A . 
E 3 MG  1  22   22   MG  MO5 A . 
F 4 NA  1  25   25   NA  NA  B . 
G 3 MG  1  23   23   MG  MO4 B . 
H 5 HOH 1  1004 1004 HOH HOH A . 
H 5 HOH 2  1005 1005 HOH HOH A . 
H 5 HOH 3  1006 1006 HOH HOH A . 
H 5 HOH 4  1011 1011 HOH HOH A . 
H 5 HOH 5  1012 1012 HOH HOH A . 
H 5 HOH 6  1013 1013 HOH HOH A . 
H 5 HOH 7  1015 1015 HOH HOH A . 
H 5 HOH 8  1017 1017 HOH HOH A . 
H 5 HOH 9  1018 1018 HOH HOH A . 
H 5 HOH 10 1021 1021 HOH HOH A . 
H 5 HOH 11 1023 1023 HOH HOH A . 
H 5 HOH 12 1026 1026 HOH HOH A . 
H 5 HOH 13 1030 1030 HOH HOH A . 
H 5 HOH 14 1031 1031 HOH HOH A . 
H 5 HOH 15 1034 1034 HOH HOH A . 
H 5 HOH 16 1036 1036 HOH HOH A . 
H 5 HOH 17 1037 1037 HOH HOH A . 
H 5 HOH 18 1038 1038 HOH HOH A . 
H 5 HOH 19 1041 1041 HOH HOH A . 
H 5 HOH 20 1042 1042 HOH HOH A . 
H 5 HOH 21 1045 1045 HOH HOH A . 
H 5 HOH 22 1046 1046 HOH HOH A . 
H 5 HOH 23 1048 1048 HOH HOH A . 
H 5 HOH 24 1050 1050 HOH HOH A . 
H 5 HOH 25 1051 1051 HOH HOH A . 
H 5 HOH 26 1052 1052 HOH HOH A . 
H 5 HOH 27 1054 1054 HOH HOH A . 
H 5 HOH 28 1055 1055 HOH HOH A . 
H 5 HOH 29 1058 1058 HOH HOH A . 
H 5 HOH 30 1059 1059 HOH HOH A . 
H 5 HOH 31 1060 1060 HOH HOH A . 
H 5 HOH 32 1061 1061 HOH HOH A . 
H 5 HOH 33 1063 1063 HOH HOH A . 
H 5 HOH 34 1064 1064 HOH HOH A . 
H 5 HOH 35 1065 1065 HOH HOH A . 
H 5 HOH 36 1069 1069 HOH HOH A . 
H 5 HOH 37 1072 1072 HOH HOH A . 
H 5 HOH 38 1073 1073 HOH HOH A . 
H 5 HOH 39 1074 1074 HOH HOH A . 
H 5 HOH 40 1075 1075 HOH HOH A . 
H 5 HOH 41 1076 1076 HOH HOH A . 
H 5 HOH 42 1077 1077 HOH HOH A . 
H 5 HOH 43 1078 21   HOH MO5 A . 
H 5 HOH 44 1079 21   HOH MO5 A . 
H 5 HOH 45 1080 21   HOH MO5 A . 
H 5 HOH 46 1081 21   HOH MO5 A . 
H 5 HOH 47 1082 21   HOH MO5 A . 
H 5 HOH 48 1083 22   HOH MO5 A . 
H 5 HOH 49 1084 22   HOH MO5 A . 
H 5 HOH 50 1085 22   HOH MO5 A . 
H 5 HOH 51 1086 22   HOH MO5 A . 
H 5 HOH 52 1087 22   HOH MO5 A . 
I 5 HOH 1  1001 1001 HOH HOH B . 
I 5 HOH 2  1003 1003 HOH HOH B . 
I 5 HOH 3  1007 1007 HOH HOH B . 
I 5 HOH 4  1008 1008 HOH HOH B . 
I 5 HOH 5  1009 1009 HOH HOH B . 
I 5 HOH 6  1010 1010 HOH HOH B . 
I 5 HOH 7  1014 1014 HOH HOH B . 
I 5 HOH 8  1016 1016 HOH HOH B . 
I 5 HOH 9  1019 1019 HOH HOH B . 
I 5 HOH 10 1020 1020 HOH HOH B . 
I 5 HOH 11 1022 1022 HOH HOH B . 
I 5 HOH 12 1024 1024 HOH HOH B . 
I 5 HOH 13 1025 1025 HOH HOH B . 
I 5 HOH 14 1027 1027 HOH HOH B . 
I 5 HOH 15 1028 1028 HOH HOH B . 
I 5 HOH 16 1032 1032 HOH HOH B . 
I 5 HOH 17 1033 1033 HOH HOH B . 
I 5 HOH 18 1039 1039 HOH HOH B . 
I 5 HOH 19 1040 1040 HOH HOH B . 
I 5 HOH 20 1043 1043 HOH HOH B . 
I 5 HOH 21 1044 1044 HOH HOH B . 
I 5 HOH 22 1047 1047 HOH HOH B . 
I 5 HOH 23 1049 1049 HOH HOH B . 
I 5 HOH 24 1053 1053 HOH HOH B . 
I 5 HOH 25 1056 1056 HOH HOH B . 
I 5 HOH 26 1062 1062 HOH HOH B . 
I 5 HOH 27 1066 1066 HOH HOH B . 
I 5 HOH 28 1067 1067 HOH HOH B . 
I 5 HOH 29 1068 1068 HOH HOH B . 
I 5 HOH 30 1070 1070 HOH HOH B . 
I 5 HOH 31 1071 1071 HOH HOH B . 
I 5 HOH 32 1088 23   HOH MO4 B . 
I 5 HOH 33 1089 23   HOH MO4 B . 
I 5 HOH 34 1090 23   HOH MO4 B . 
I 5 HOH 35 1091 23   HOH MO4 B . 
# 
loop_
_pdbx_struct_mod_residue.id 
_pdbx_struct_mod_residue.label_asym_id 
_pdbx_struct_mod_residue.label_comp_id 
_pdbx_struct_mod_residue.label_seq_id 
_pdbx_struct_mod_residue.auth_asym_id 
_pdbx_struct_mod_residue.auth_comp_id 
_pdbx_struct_mod_residue.auth_seq_id 
_pdbx_struct_mod_residue.PDB_ins_code 
_pdbx_struct_mod_residue.parent_comp_id 
_pdbx_struct_mod_residue.details 
1 A BRU 6 A BRU 6  ? DU ? 
2 B BRU 6 B BRU 16 ? DU ? 
# 
_pdbx_struct_assembly.id                   1 
_pdbx_struct_assembly.details              author_defined_assembly 
_pdbx_struct_assembly.method_details       ? 
_pdbx_struct_assembly.oligomeric_details   dimeric 
_pdbx_struct_assembly.oligomeric_count     2 
# 
_pdbx_struct_assembly_gen.assembly_id       1 
_pdbx_struct_assembly_gen.oper_expression   1 
_pdbx_struct_assembly_gen.asym_id_list      A,B,C,D,E,F,G,H,I 
# 
_pdbx_struct_oper_list.id                   1 
_pdbx_struct_oper_list.type                 'identity operation' 
_pdbx_struct_oper_list.name                 1_555 
_pdbx_struct_oper_list.symmetry_operation   x,y,z 
_pdbx_struct_oper_list.matrix[1][1]         1.0000000000 
_pdbx_struct_oper_list.matrix[1][2]         0.0000000000 
_pdbx_struct_oper_list.matrix[1][3]         0.0000000000 
_pdbx_struct_oper_list.vector[1]            0.0000000000 
_pdbx_struct_oper_list.matrix[2][1]         0.0000000000 
_pdbx_struct_oper_list.matrix[2][2]         1.0000000000 
_pdbx_struct_oper_list.matrix[2][3]         0.0000000000 
_pdbx_struct_oper_list.vector[2]            0.0000000000 
_pdbx_struct_oper_list.matrix[3][1]         0.0000000000 
_pdbx_struct_oper_list.matrix[3][2]         0.0000000000 
_pdbx_struct_oper_list.matrix[3][3]         1.0000000000 
_pdbx_struct_oper_list.vector[3]            0.0000000000 
# 
loop_
_pdbx_struct_special_symmetry.id 
_pdbx_struct_special_symmetry.PDB_model_num 
_pdbx_struct_special_symmetry.auth_asym_id 
_pdbx_struct_special_symmetry.auth_comp_id 
_pdbx_struct_special_symmetry.auth_seq_id 
_pdbx_struct_special_symmetry.PDB_ins_code 
_pdbx_struct_special_symmetry.label_asym_id 
_pdbx_struct_special_symmetry.label_comp_id 
_pdbx_struct_special_symmetry.label_seq_id 
1 1 B MG  23   ? G MG  . 
2 1 A HOH 1042 ? H HOH . 
3 1 B HOH 1024 ? I HOH . 
4 1 B HOH 1070 ? I HOH . 
5 1 B HOH 1090 ? I HOH . 
6 1 B HOH 1091 ? I HOH . 
# 
loop_
_pdbx_struct_conn_angle.id 
_pdbx_struct_conn_angle.ptnr1_label_atom_id 
_pdbx_struct_conn_angle.ptnr1_label_alt_id 
_pdbx_struct_conn_angle.ptnr1_label_asym_id 
_pdbx_struct_conn_angle.ptnr1_label_comp_id 
_pdbx_struct_conn_angle.ptnr1_label_seq_id 
_pdbx_struct_conn_angle.ptnr1_auth_atom_id 
_pdbx_struct_conn_angle.ptnr1_auth_asym_id 
_pdbx_struct_conn_angle.ptnr1_auth_comp_id 
_pdbx_struct_conn_angle.ptnr1_auth_seq_id 
_pdbx_struct_conn_angle.ptnr1_PDB_ins_code 
_pdbx_struct_conn_angle.ptnr1_symmetry 
_pdbx_struct_conn_angle.ptnr2_label_atom_id 
_pdbx_struct_conn_angle.ptnr2_label_alt_id 
_pdbx_struct_conn_angle.ptnr2_label_asym_id 
_pdbx_struct_conn_angle.ptnr2_label_comp_id 
_pdbx_struct_conn_angle.ptnr2_label_seq_id 
_pdbx_struct_conn_angle.ptnr2_auth_atom_id 
_pdbx_struct_conn_angle.ptnr2_auth_asym_id 
_pdbx_struct_conn_angle.ptnr2_auth_comp_id 
_pdbx_struct_conn_angle.ptnr2_auth_seq_id 
_pdbx_struct_conn_angle.ptnr2_PDB_ins_code 
_pdbx_struct_conn_angle.ptnr2_symmetry 
_pdbx_struct_conn_angle.ptnr3_label_atom_id 
_pdbx_struct_conn_angle.ptnr3_label_alt_id 
_pdbx_struct_conn_angle.ptnr3_label_asym_id 
_pdbx_struct_conn_angle.ptnr3_label_comp_id 
_pdbx_struct_conn_angle.ptnr3_label_seq_id 
_pdbx_struct_conn_angle.ptnr3_auth_atom_id 
_pdbx_struct_conn_angle.ptnr3_auth_asym_id 
_pdbx_struct_conn_angle.ptnr3_auth_comp_id 
_pdbx_struct_conn_angle.ptnr3_auth_seq_id 
_pdbx_struct_conn_angle.ptnr3_PDB_ins_code 
_pdbx_struct_conn_angle.ptnr3_symmetry 
_pdbx_struct_conn_angle.value 
_pdbx_struct_conn_angle.value_esd 
1  N7    ? A DG  9  ? A DG  9    ? 1_555 MG ? E MG . ? A MG 22 ? 1_555 O     ? H HOH .  ? A HOH 1083 ? 1_555 87.2  ? 
2  N7    ? A DG  9  ? A DG  9    ? 1_555 MG ? E MG . ? A MG 22 ? 1_555 O     ? H HOH .  ? A HOH 1084 ? 1_555 94.5  ? 
3  O     ? H HOH .  ? A HOH 1083 ? 1_555 MG ? E MG . ? A MG 22 ? 1_555 O     ? H HOH .  ? A HOH 1084 ? 1_555 178.0 ? 
4  N7    ? A DG  9  ? A DG  9    ? 1_555 MG ? E MG . ? A MG 22 ? 1_555 O     ? H HOH .  ? A HOH 1085 ? 1_555 84.6  ? 
5  O     ? H HOH .  ? A HOH 1083 ? 1_555 MG ? E MG . ? A MG 22 ? 1_555 O     ? H HOH .  ? A HOH 1085 ? 1_555 90.1  ? 
6  O     ? H HOH .  ? A HOH 1084 ? 1_555 MG ? E MG . ? A MG 22 ? 1_555 O     ? H HOH .  ? A HOH 1085 ? 1_555 90.9  ? 
7  N7    ? A DG  9  ? A DG  9    ? 1_555 MG ? E MG . ? A MG 22 ? 1_555 O     ? H HOH .  ? A HOH 1086 ? 1_555 172.8 ? 
8  O     ? H HOH .  ? A HOH 1083 ? 1_555 MG ? E MG . ? A MG 22 ? 1_555 O     ? H HOH .  ? A HOH 1086 ? 1_555 89.7  ? 
9  O     ? H HOH .  ? A HOH 1084 ? 1_555 MG ? E MG . ? A MG 22 ? 1_555 O     ? H HOH .  ? A HOH 1086 ? 1_555 88.7  ? 
10 O     ? H HOH .  ? A HOH 1085 ? 1_555 MG ? E MG . ? A MG 22 ? 1_555 O     ? H HOH .  ? A HOH 1086 ? 1_555 88.9  ? 
11 N7    ? A DG  9  ? A DG  9    ? 1_555 MG ? E MG . ? A MG 22 ? 1_555 O     ? H HOH .  ? A HOH 1087 ? 1_555 97.0  ? 
12 O     ? H HOH .  ? A HOH 1083 ? 1_555 MG ? E MG . ? A MG 22 ? 1_555 O     ? H HOH .  ? A HOH 1087 ? 1_555 90.4  ? 
13 O     ? H HOH .  ? A HOH 1084 ? 1_555 MG ? E MG . ? A MG 22 ? 1_555 O     ? H HOH .  ? A HOH 1087 ? 1_555 88.5  ? 
14 O     ? H HOH .  ? A HOH 1085 ? 1_555 MG ? E MG . ? A MG 22 ? 1_555 O     ? H HOH .  ? A HOH 1087 ? 1_555 178.3 ? 
15 O     ? H HOH .  ? A HOH 1086 ? 1_555 MG ? E MG . ? A MG 22 ? 1_555 O     ? H HOH .  ? A HOH 1087 ? 1_555 89.5  ? 
16 OP1   ? A DG  10 ? A DG  10   ? 1_555 MG ? D MG . ? A MG 21 ? 1_555 O     ? H HOH .  ? A HOH 1078 ? 1_555 93.5  ? 
17 OP1   ? A DG  10 ? A DG  10   ? 1_555 MG ? D MG . ? A MG 21 ? 1_555 O     ? H HOH .  ? A HOH 1079 ? 1_555 85.2  ? 
18 O     ? H HOH .  ? A HOH 1078 ? 1_555 MG ? D MG . ? A MG 21 ? 1_555 O     ? H HOH .  ? A HOH 1079 ? 1_555 178.4 ? 
19 OP1   ? A DG  10 ? A DG  10   ? 1_555 MG ? D MG . ? A MG 21 ? 1_555 O     ? H HOH .  ? A HOH 1080 ? 1_555 91.8  ? 
20 O     ? H HOH .  ? A HOH 1078 ? 1_555 MG ? D MG . ? A MG 21 ? 1_555 O     ? H HOH .  ? A HOH 1080 ? 1_555 88.4  ? 
21 O     ? H HOH .  ? A HOH 1079 ? 1_555 MG ? D MG . ? A MG 21 ? 1_555 O     ? H HOH .  ? A HOH 1080 ? 1_555 90.6  ? 
22 OP1   ? A DG  10 ? A DG  10   ? 1_555 MG ? D MG . ? A MG 21 ? 1_555 O     ? H HOH .  ? A HOH 1081 ? 1_555 175.7 ? 
23 O     ? H HOH .  ? A HOH 1078 ? 1_555 MG ? D MG . ? A MG 21 ? 1_555 O     ? H HOH .  ? A HOH 1081 ? 1_555 90.8  ? 
24 O     ? H HOH .  ? A HOH 1079 ? 1_555 MG ? D MG . ? A MG 21 ? 1_555 O     ? H HOH .  ? A HOH 1081 ? 1_555 90.6  ? 
25 O     ? H HOH .  ? A HOH 1080 ? 1_555 MG ? D MG . ? A MG 21 ? 1_555 O     ? H HOH .  ? A HOH 1081 ? 1_555 88.8  ? 
26 OP1   ? A DG  10 ? A DG  10   ? 1_555 MG ? D MG . ? A MG 21 ? 1_555 O     ? H HOH .  ? A HOH 1082 ? 1_555 89.6  ? 
27 O     ? H HOH .  ? A HOH 1078 ? 1_555 MG ? D MG . ? A MG 21 ? 1_555 O     ? H HOH .  ? A HOH 1082 ? 1_555 90.9  ? 
28 O     ? H HOH .  ? A HOH 1079 ? 1_555 MG ? D MG . ? A MG 21 ? 1_555 O     ? H HOH .  ? A HOH 1082 ? 1_555 90.1  ? 
29 O     ? H HOH .  ? A HOH 1080 ? 1_555 MG ? D MG . ? A MG 21 ? 1_555 O     ? H HOH .  ? A HOH 1082 ? 1_555 178.5 ? 
30 O     ? H HOH .  ? A HOH 1081 ? 1_555 MG ? D MG . ? A MG 21 ? 1_555 O     ? H HOH .  ? A HOH 1082 ? 1_555 89.8  ? 
31 OP1   ? B BRU 6  ? B BRU 16   ? 1_555 NA ? F NA . ? B NA 25 ? 1_555 "O5'" ? B BRU 6  ? B BRU 16   ? 1_555 35.5  ? 
32 OP1   ? B BRU 6  ? B BRU 16   ? 1_555 NA ? F NA . ? B NA 25 ? 1_555 OP2   ? B BRU 6  ? B BRU 16   ? 1_555 33.3  ? 
33 "O5'" ? B BRU 6  ? B BRU 16   ? 1_555 NA ? F NA . ? B NA 25 ? 1_555 OP2   ? B BRU 6  ? B BRU 16   ? 1_555 62.1  ? 
34 OP1   ? B BRU 6  ? B BRU 16   ? 1_555 NA ? F NA . ? B NA 25 ? 1_555 O     ? I HOH .  ? B HOH 1014 ? 1_555 140.1 ? 
35 "O5'" ? B BRU 6  ? B BRU 16   ? 1_555 NA ? F NA . ? B NA 25 ? 1_555 O     ? I HOH .  ? B HOH 1014 ? 1_555 126.9 ? 
36 OP2   ? B BRU 6  ? B BRU 16   ? 1_555 NA ? F NA . ? B NA 25 ? 1_555 O     ? I HOH .  ? B HOH 1014 ? 1_555 156.8 ? 
37 OP1   ? B DG  10 ? B DG  20   ? 1_555 MG ? G MG . ? B MG 23 ? 1_555 OP1   ? B DG  10 ? B DG  20   ? 3_555 175.6 ? 
38 OP1   ? B DG  10 ? B DG  20   ? 1_555 MG ? G MG . ? B MG 23 ? 1_555 O     ? I HOH .  ? B HOH 1088 ? 1_555 99.4  ? 
39 OP1   ? B DG  10 ? B DG  20   ? 3_555 MG ? G MG . ? B MG 23 ? 1_555 O     ? I HOH .  ? B HOH 1088 ? 1_555 80.6  ? 
40 OP1   ? B DG  10 ? B DG  20   ? 1_555 MG ? G MG . ? B MG 23 ? 1_555 O     ? I HOH .  ? B HOH 1088 ? 3_555 80.6  ? 
41 OP1   ? B DG  10 ? B DG  20   ? 3_555 MG ? G MG . ? B MG 23 ? 1_555 O     ? I HOH .  ? B HOH 1088 ? 3_555 99.4  ? 
42 O     ? I HOH .  ? B HOH 1088 ? 1_555 MG ? G MG . ? B MG 23 ? 1_555 O     ? I HOH .  ? B HOH 1088 ? 3_555 179.6 ? 
43 OP1   ? B DG  10 ? B DG  20   ? 1_555 MG ? G MG . ? B MG 23 ? 1_555 O     ? I HOH .  ? B HOH 1089 ? 1_555 80.6  ? 
44 OP1   ? B DG  10 ? B DG  20   ? 3_555 MG ? G MG . ? B MG 23 ? 1_555 O     ? I HOH .  ? B HOH 1089 ? 1_555 99.4  ? 
45 O     ? I HOH .  ? B HOH 1088 ? 1_555 MG ? G MG . ? B MG 23 ? 1_555 O     ? I HOH .  ? B HOH 1089 ? 1_555 179.6 ? 
46 O     ? I HOH .  ? B HOH 1088 ? 3_555 MG ? G MG . ? B MG 23 ? 1_555 O     ? I HOH .  ? B HOH 1089 ? 1_555 0.0   ? 
47 OP1   ? B DG  10 ? B DG  20   ? 1_555 MG ? G MG . ? B MG 23 ? 1_555 O     ? I HOH .  ? B HOH 1089 ? 3_555 99.4  ? 
48 OP1   ? B DG  10 ? B DG  20   ? 3_555 MG ? G MG . ? B MG 23 ? 1_555 O     ? I HOH .  ? B HOH 1089 ? 3_555 80.6  ? 
49 O     ? I HOH .  ? B HOH 1088 ? 1_555 MG ? G MG . ? B MG 23 ? 1_555 O     ? I HOH .  ? B HOH 1089 ? 3_555 0.0   ? 
50 O     ? I HOH .  ? B HOH 1088 ? 3_555 MG ? G MG . ? B MG 23 ? 1_555 O     ? I HOH .  ? B HOH 1089 ? 3_555 179.6 ? 
51 O     ? I HOH .  ? B HOH 1089 ? 1_555 MG ? G MG . ? B MG 23 ? 1_555 O     ? I HOH .  ? B HOH 1089 ? 3_555 179.6 ? 
52 OP1   ? B DG  10 ? B DG  20   ? 1_555 MG ? G MG . ? B MG 23 ? 1_555 O     ? I HOH .  ? B HOH 1090 ? 1_555 92.2  ? 
53 OP1   ? B DG  10 ? B DG  20   ? 3_555 MG ? G MG . ? B MG 23 ? 1_555 O     ? I HOH .  ? B HOH 1090 ? 1_555 92.2  ? 
54 O     ? I HOH .  ? B HOH 1088 ? 1_555 MG ? G MG . ? B MG 23 ? 1_555 O     ? I HOH .  ? B HOH 1090 ? 1_555 90.2  ? 
55 O     ? I HOH .  ? B HOH 1088 ? 3_555 MG ? G MG . ? B MG 23 ? 1_555 O     ? I HOH .  ? B HOH 1090 ? 1_555 90.2  ? 
56 O     ? I HOH .  ? B HOH 1089 ? 1_555 MG ? G MG . ? B MG 23 ? 1_555 O     ? I HOH .  ? B HOH 1090 ? 1_555 90.2  ? 
57 O     ? I HOH .  ? B HOH 1089 ? 3_555 MG ? G MG . ? B MG 23 ? 1_555 O     ? I HOH .  ? B HOH 1090 ? 1_555 90.2  ? 
58 OP1   ? B DG  10 ? B DG  20   ? 1_555 MG ? G MG . ? B MG 23 ? 1_555 O     ? I HOH .  ? B HOH 1090 ? 3_555 92.2  ? 
59 OP1   ? B DG  10 ? B DG  20   ? 3_555 MG ? G MG . ? B MG 23 ? 1_555 O     ? I HOH .  ? B HOH 1090 ? 3_555 92.2  ? 
60 O     ? I HOH .  ? B HOH 1088 ? 1_555 MG ? G MG . ? B MG 23 ? 1_555 O     ? I HOH .  ? B HOH 1090 ? 3_555 90.2  ? 
61 O     ? I HOH .  ? B HOH 1088 ? 3_555 MG ? G MG . ? B MG 23 ? 1_555 O     ? I HOH .  ? B HOH 1090 ? 3_555 90.2  ? 
62 O     ? I HOH .  ? B HOH 1089 ? 1_555 MG ? G MG . ? B MG 23 ? 1_555 O     ? I HOH .  ? B HOH 1090 ? 3_555 90.2  ? 
63 O     ? I HOH .  ? B HOH 1089 ? 3_555 MG ? G MG . ? B MG 23 ? 1_555 O     ? I HOH .  ? B HOH 1090 ? 3_555 90.2  ? 
64 O     ? I HOH .  ? B HOH 1090 ? 1_555 MG ? G MG . ? B MG 23 ? 1_555 O     ? I HOH .  ? B HOH 1090 ? 3_555 0.0   ? 
65 OP1   ? B DG  10 ? B DG  20   ? 1_555 MG ? G MG . ? B MG 23 ? 1_555 O     ? I HOH .  ? B HOH 1091 ? 1_555 87.8  ? 
66 OP1   ? B DG  10 ? B DG  20   ? 3_555 MG ? G MG . ? B MG 23 ? 1_555 O     ? I HOH .  ? B HOH 1091 ? 1_555 87.8  ? 
67 O     ? I HOH .  ? B HOH 1088 ? 1_555 MG ? G MG . ? B MG 23 ? 1_555 O     ? I HOH .  ? B HOH 1091 ? 1_555 89.8  ? 
68 O     ? I HOH .  ? B HOH 1088 ? 3_555 MG ? G MG . ? B MG 23 ? 1_555 O     ? I HOH .  ? B HOH 1091 ? 1_555 89.8  ? 
69 O     ? I HOH .  ? B HOH 1089 ? 1_555 MG ? G MG . ? B MG 23 ? 1_555 O     ? I HOH .  ? B HOH 1091 ? 1_555 89.8  ? 
70 O     ? I HOH .  ? B HOH 1089 ? 3_555 MG ? G MG . ? B MG 23 ? 1_555 O     ? I HOH .  ? B HOH 1091 ? 1_555 89.8  ? 
71 O     ? I HOH .  ? B HOH 1090 ? 1_555 MG ? G MG . ? B MG 23 ? 1_555 O     ? I HOH .  ? B HOH 1091 ? 1_555 180.0 ? 
72 O     ? I HOH .  ? B HOH 1090 ? 3_555 MG ? G MG . ? B MG 23 ? 1_555 O     ? I HOH .  ? B HOH 1091 ? 1_555 180.0 ? 
73 OP1   ? B DG  10 ? B DG  20   ? 1_555 MG ? G MG . ? B MG 23 ? 1_555 O     ? I HOH .  ? B HOH 1091 ? 3_555 87.8  ? 
74 OP1   ? B DG  10 ? B DG  20   ? 3_555 MG ? G MG . ? B MG 23 ? 1_555 O     ? I HOH .  ? B HOH 1091 ? 3_555 87.8  ? 
75 O     ? I HOH .  ? B HOH 1088 ? 1_555 MG ? G MG . ? B MG 23 ? 1_555 O     ? I HOH .  ? B HOH 1091 ? 3_555 89.8  ? 
76 O     ? I HOH .  ? B HOH 1088 ? 3_555 MG ? G MG . ? B MG 23 ? 1_555 O     ? I HOH .  ? B HOH 1091 ? 3_555 89.8  ? 
77 O     ? I HOH .  ? B HOH 1089 ? 1_555 MG ? G MG . ? B MG 23 ? 1_555 O     ? I HOH .  ? B HOH 1091 ? 3_555 89.8  ? 
78 O     ? I HOH .  ? B HOH 1089 ? 3_555 MG ? G MG . ? B MG 23 ? 1_555 O     ? I HOH .  ? B HOH 1091 ? 3_555 89.8  ? 
79 O     ? I HOH .  ? B HOH 1090 ? 1_555 MG ? G MG . ? B MG 23 ? 1_555 O     ? I HOH .  ? B HOH 1091 ? 3_555 180.0 ? 
80 O     ? I HOH .  ? B HOH 1090 ? 3_555 MG ? G MG . ? B MG 23 ? 1_555 O     ? I HOH .  ? B HOH 1091 ? 3_555 179.9 ? 
81 O     ? I HOH .  ? B HOH 1091 ? 1_555 MG ? G MG . ? B MG 23 ? 1_555 O     ? I HOH .  ? B HOH 1091 ? 3_555 0.0   ? 
# 
loop_
_pdbx_audit_revision_history.ordinal 
_pdbx_audit_revision_history.data_content_type 
_pdbx_audit_revision_history.major_revision 
_pdbx_audit_revision_history.minor_revision 
_pdbx_audit_revision_history.revision_date 
1 'Structure model' 1 0 1999-11-19 
2 'Structure model' 1 1 2008-04-27 
3 'Structure model' 1 2 2011-07-13 
4 'Structure model' 1 3 2017-10-04 
5 'Structure model' 1 4 2023-08-09 
# 
_pdbx_audit_revision_details.ordinal             1 
_pdbx_audit_revision_details.revision_ordinal    1 
_pdbx_audit_revision_details.data_content_type   'Structure model' 
_pdbx_audit_revision_details.provider            repository 
_pdbx_audit_revision_details.type                'Initial release' 
_pdbx_audit_revision_details.description         ? 
_pdbx_audit_revision_details.details             ? 
# 
loop_
_pdbx_audit_revision_group.ordinal 
_pdbx_audit_revision_group.revision_ordinal 
_pdbx_audit_revision_group.data_content_type 
_pdbx_audit_revision_group.group 
1 2 'Structure model' 'Version format compliance' 
2 3 'Structure model' 'Version format compliance' 
3 4 'Structure model' 'Refinement description'    
4 5 'Structure model' 'Data collection'           
5 5 'Structure model' 'Database references'       
6 5 'Structure model' 'Derived calculations'      
7 5 'Structure model' 'Refinement description'    
# 
loop_
_pdbx_audit_revision_category.ordinal 
_pdbx_audit_revision_category.revision_ordinal 
_pdbx_audit_revision_category.data_content_type 
_pdbx_audit_revision_category.category 
1 4 'Structure model' software                      
2 5 'Structure model' chem_comp_atom                
3 5 'Structure model' chem_comp_bond                
4 5 'Structure model' database_2                    
5 5 'Structure model' pdbx_initial_refinement_model 
6 5 'Structure model' pdbx_struct_conn_angle        
7 5 'Structure model' struct_conn                   
8 5 'Structure model' struct_conn_type              
9 5 'Structure model' struct_site                   
# 
loop_
_pdbx_audit_revision_item.ordinal 
_pdbx_audit_revision_item.revision_ordinal 
_pdbx_audit_revision_item.data_content_type 
_pdbx_audit_revision_item.item 
1  5 'Structure model' '_database_2.pdbx_DOI'                        
2  5 'Structure model' '_database_2.pdbx_database_accession'         
3  5 'Structure model' '_pdbx_struct_conn_angle.ptnr1_auth_asym_id'  
4  5 'Structure model' '_pdbx_struct_conn_angle.ptnr1_auth_comp_id'  
5  5 'Structure model' '_pdbx_struct_conn_angle.ptnr1_auth_seq_id'   
6  5 'Structure model' '_pdbx_struct_conn_angle.ptnr1_label_asym_id' 
7  5 'Structure model' '_pdbx_struct_conn_angle.ptnr1_label_atom_id' 
8  5 'Structure model' '_pdbx_struct_conn_angle.ptnr1_label_comp_id' 
9  5 'Structure model' '_pdbx_struct_conn_angle.ptnr1_label_seq_id'  
10 5 'Structure model' '_pdbx_struct_conn_angle.ptnr1_symmetry'      
11 5 'Structure model' '_pdbx_struct_conn_angle.ptnr2_auth_asym_id'  
12 5 'Structure model' '_pdbx_struct_conn_angle.ptnr2_auth_comp_id'  
13 5 'Structure model' '_pdbx_struct_conn_angle.ptnr2_auth_seq_id'   
14 5 'Structure model' '_pdbx_struct_conn_angle.ptnr2_label_asym_id' 
15 5 'Structure model' '_pdbx_struct_conn_angle.ptnr2_label_atom_id' 
16 5 'Structure model' '_pdbx_struct_conn_angle.ptnr2_label_comp_id' 
17 5 'Structure model' '_pdbx_struct_conn_angle.ptnr3_auth_asym_id'  
18 5 'Structure model' '_pdbx_struct_conn_angle.ptnr3_auth_comp_id'  
19 5 'Structure model' '_pdbx_struct_conn_angle.ptnr3_auth_seq_id'   
20 5 'Structure model' '_pdbx_struct_conn_angle.ptnr3_label_asym_id' 
21 5 'Structure model' '_pdbx_struct_conn_angle.ptnr3_label_atom_id' 
22 5 'Structure model' '_pdbx_struct_conn_angle.ptnr3_label_comp_id' 
23 5 'Structure model' '_pdbx_struct_conn_angle.ptnr3_label_seq_id'  
24 5 'Structure model' '_pdbx_struct_conn_angle.ptnr3_symmetry'      
25 5 'Structure model' '_pdbx_struct_conn_angle.value'               
26 5 'Structure model' '_struct_conn.conn_type_id'                   
27 5 'Structure model' '_struct_conn.id'                             
28 5 'Structure model' '_struct_conn.pdbx_dist_value'                
29 5 'Structure model' '_struct_conn.pdbx_leaving_atom_flag'         
30 5 'Structure model' '_struct_conn.ptnr1_auth_asym_id'             
31 5 'Structure model' '_struct_conn.ptnr1_auth_comp_id'             
32 5 'Structure model' '_struct_conn.ptnr1_auth_seq_id'              
33 5 'Structure model' '_struct_conn.ptnr1_label_asym_id'            
34 5 'Structure model' '_struct_conn.ptnr1_label_atom_id'            
35 5 'Structure model' '_struct_conn.ptnr1_label_comp_id'            
36 5 'Structure model' '_struct_conn.ptnr1_label_seq_id'             
37 5 'Structure model' '_struct_conn.ptnr1_symmetry'                 
38 5 'Structure model' '_struct_conn.ptnr2_auth_asym_id'             
39 5 'Structure model' '_struct_conn.ptnr2_auth_comp_id'             
40 5 'Structure model' '_struct_conn.ptnr2_auth_seq_id'              
41 5 'Structure model' '_struct_conn.ptnr2_label_asym_id'            
42 5 'Structure model' '_struct_conn.ptnr2_label_atom_id'            
43 5 'Structure model' '_struct_conn.ptnr2_label_comp_id'            
44 5 'Structure model' '_struct_conn.ptnr2_label_seq_id'             
45 5 'Structure model' '_struct_conn.ptnr2_symmetry'                 
46 5 'Structure model' '_struct_conn_type.id'                        
47 5 'Structure model' '_struct_site.pdbx_auth_asym_id'              
48 5 'Structure model' '_struct_site.pdbx_auth_comp_id'              
49 5 'Structure model' '_struct_site.pdbx_auth_seq_id'               
# 
loop_
_software.name 
_software.classification 
_software.version 
_software.citation_id 
_software.pdbx_ordinal 
X-PLOR    'model building' . ? 1 
SHELXL-97 refinement       . ? 2 
d*TREK    'data scaling'   . ? 3 
X-PLOR    phasing          . ? 4 
# 
loop_
_pdbx_validate_rmsd_angle.id 
_pdbx_validate_rmsd_angle.PDB_model_num 
_pdbx_validate_rmsd_angle.auth_atom_id_1 
_pdbx_validate_rmsd_angle.auth_asym_id_1 
_pdbx_validate_rmsd_angle.auth_comp_id_1 
_pdbx_validate_rmsd_angle.auth_seq_id_1 
_pdbx_validate_rmsd_angle.PDB_ins_code_1 
_pdbx_validate_rmsd_angle.label_alt_id_1 
_pdbx_validate_rmsd_angle.auth_atom_id_2 
_pdbx_validate_rmsd_angle.auth_asym_id_2 
_pdbx_validate_rmsd_angle.auth_comp_id_2 
_pdbx_validate_rmsd_angle.auth_seq_id_2 
_pdbx_validate_rmsd_angle.PDB_ins_code_2 
_pdbx_validate_rmsd_angle.label_alt_id_2 
_pdbx_validate_rmsd_angle.auth_atom_id_3 
_pdbx_validate_rmsd_angle.auth_asym_id_3 
_pdbx_validate_rmsd_angle.auth_comp_id_3 
_pdbx_validate_rmsd_angle.auth_seq_id_3 
_pdbx_validate_rmsd_angle.PDB_ins_code_3 
_pdbx_validate_rmsd_angle.label_alt_id_3 
_pdbx_validate_rmsd_angle.angle_value 
_pdbx_validate_rmsd_angle.angle_target_value 
_pdbx_validate_rmsd_angle.angle_deviation 
_pdbx_validate_rmsd_angle.angle_standard_deviation 
_pdbx_validate_rmsd_angle.linker_flag 
1 1 "C3'" A BRU 6  ? ? "O3'" A BRU 6  ? ? P   A DG 7  ? ? 131.25 119.70 11.55 1.20 Y 
2 1 "O5'" A DG  7  ? ? P     A DG  7  ? ? OP2 A DG 7  ? ? 98.79  105.70 -6.91 0.90 N 
3 1 "O4'" A DG  7  ? ? "C1'" A DG  7  ? ? N9  A DG 7  ? ? 103.56 108.00 -4.44 0.70 N 
4 1 "O4'" A DG  9  ? ? "C1'" A DG  9  ? ? N9  A DG 9  ? ? 112.84 108.30 4.54  0.30 N 
5 1 "O4'" B DC  11 ? ? "C1'" B DC  11 ? ? N1  B DC 11 ? ? 114.68 108.30 6.38  0.30 N 
6 1 "O4'" B DA  14 ? ? "C1'" B DA  14 ? ? N9  B DA 14 ? ? 112.28 108.30 3.98  0.30 N 
7 1 C5    B DA  15 ? ? C6    B DA  15 ? ? N1  B DA 15 ? ? 120.75 117.70 3.05  0.50 N 
8 1 N1    B DA  18 ? ? C2    B DA  18 ? ? N3  B DA 18 ? ? 124.11 129.30 -5.19 0.50 N 
9 1 N1    B DA  18 ? ? C6    B DA  18 ? ? N6  B DA 18 ? ? 123.50 118.60 4.90  0.60 N 
# 
loop_
_pdbx_validate_planes.id 
_pdbx_validate_planes.PDB_model_num 
_pdbx_validate_planes.auth_comp_id 
_pdbx_validate_planes.auth_asym_id 
_pdbx_validate_planes.auth_seq_id 
_pdbx_validate_planes.PDB_ins_code 
_pdbx_validate_planes.label_alt_id 
_pdbx_validate_planes.rmsd 
_pdbx_validate_planes.type 
1 1 DA A 8  ? ? 0.094 'SIDE CHAIN' 
2 1 DC B 11 ? ? 0.087 'SIDE CHAIN' 
3 1 DA B 14 ? ? 0.069 'SIDE CHAIN' 
# 
loop_
_chem_comp_atom.comp_id 
_chem_comp_atom.atom_id 
_chem_comp_atom.type_symbol 
_chem_comp_atom.pdbx_aromatic_flag 
_chem_comp_atom.pdbx_stereo_config 
_chem_comp_atom.pdbx_ordinal 
BRU N1     N  N N 1   
BRU C2     C  N N 2   
BRU N3     N  N N 3   
BRU C4     C  N N 4   
BRU C5     C  N N 5   
BRU C6     C  N N 6   
BRU O2     O  N N 7   
BRU O4     O  N N 8   
BRU BR     BR N N 9   
BRU "C1'"  C  N R 10  
BRU "C2'"  C  N N 11  
BRU "C3'"  C  N S 12  
BRU "C4'"  C  N R 13  
BRU "O3'"  O  N N 14  
BRU "O4'"  O  N N 15  
BRU "C5'"  C  N N 16  
BRU "O5'"  O  N N 17  
BRU P      P  N N 18  
BRU OP1    O  N N 19  
BRU OP2    O  N N 20  
BRU OP3    O  N N 21  
BRU HN3    H  N N 22  
BRU H6     H  N N 23  
BRU "H1'"  H  N N 24  
BRU "H2'"  H  N N 25  
BRU "H2''" H  N N 26  
BRU "H3'"  H  N N 27  
BRU "H4'"  H  N N 28  
BRU "HO3'" H  N N 29  
BRU "H5'"  H  N N 30  
BRU "H5''" H  N N 31  
BRU HOP2   H  N N 32  
BRU HOP3   H  N N 33  
DA  OP3    O  N N 34  
DA  P      P  N N 35  
DA  OP1    O  N N 36  
DA  OP2    O  N N 37  
DA  "O5'"  O  N N 38  
DA  "C5'"  C  N N 39  
DA  "C4'"  C  N R 40  
DA  "O4'"  O  N N 41  
DA  "C3'"  C  N S 42  
DA  "O3'"  O  N N 43  
DA  "C2'"  C  N N 44  
DA  "C1'"  C  N R 45  
DA  N9     N  Y N 46  
DA  C8     C  Y N 47  
DA  N7     N  Y N 48  
DA  C5     C  Y N 49  
DA  C6     C  Y N 50  
DA  N6     N  N N 51  
DA  N1     N  Y N 52  
DA  C2     C  Y N 53  
DA  N3     N  Y N 54  
DA  C4     C  Y N 55  
DA  HOP3   H  N N 56  
DA  HOP2   H  N N 57  
DA  "H5'"  H  N N 58  
DA  "H5''" H  N N 59  
DA  "H4'"  H  N N 60  
DA  "H3'"  H  N N 61  
DA  "HO3'" H  N N 62  
DA  "H2'"  H  N N 63  
DA  "H2''" H  N N 64  
DA  "H1'"  H  N N 65  
DA  H8     H  N N 66  
DA  H61    H  N N 67  
DA  H62    H  N N 68  
DA  H2     H  N N 69  
DC  OP3    O  N N 70  
DC  P      P  N N 71  
DC  OP1    O  N N 72  
DC  OP2    O  N N 73  
DC  "O5'"  O  N N 74  
DC  "C5'"  C  N N 75  
DC  "C4'"  C  N R 76  
DC  "O4'"  O  N N 77  
DC  "C3'"  C  N S 78  
DC  "O3'"  O  N N 79  
DC  "C2'"  C  N N 80  
DC  "C1'"  C  N R 81  
DC  N1     N  N N 82  
DC  C2     C  N N 83  
DC  O2     O  N N 84  
DC  N3     N  N N 85  
DC  C4     C  N N 86  
DC  N4     N  N N 87  
DC  C5     C  N N 88  
DC  C6     C  N N 89  
DC  HOP3   H  N N 90  
DC  HOP2   H  N N 91  
DC  "H5'"  H  N N 92  
DC  "H5''" H  N N 93  
DC  "H4'"  H  N N 94  
DC  "H3'"  H  N N 95  
DC  "HO3'" H  N N 96  
DC  "H2'"  H  N N 97  
DC  "H2''" H  N N 98  
DC  "H1'"  H  N N 99  
DC  H41    H  N N 100 
DC  H42    H  N N 101 
DC  H5     H  N N 102 
DC  H6     H  N N 103 
DG  OP3    O  N N 104 
DG  P      P  N N 105 
DG  OP1    O  N N 106 
DG  OP2    O  N N 107 
DG  "O5'"  O  N N 108 
DG  "C5'"  C  N N 109 
DG  "C4'"  C  N R 110 
DG  "O4'"  O  N N 111 
DG  "C3'"  C  N S 112 
DG  "O3'"  O  N N 113 
DG  "C2'"  C  N N 114 
DG  "C1'"  C  N R 115 
DG  N9     N  Y N 116 
DG  C8     C  Y N 117 
DG  N7     N  Y N 118 
DG  C5     C  Y N 119 
DG  C6     C  N N 120 
DG  O6     O  N N 121 
DG  N1     N  N N 122 
DG  C2     C  N N 123 
DG  N2     N  N N 124 
DG  N3     N  N N 125 
DG  C4     C  Y N 126 
DG  HOP3   H  N N 127 
DG  HOP2   H  N N 128 
DG  "H5'"  H  N N 129 
DG  "H5''" H  N N 130 
DG  "H4'"  H  N N 131 
DG  "H3'"  H  N N 132 
DG  "HO3'" H  N N 133 
DG  "H2'"  H  N N 134 
DG  "H2''" H  N N 135 
DG  "H1'"  H  N N 136 
DG  H8     H  N N 137 
DG  H1     H  N N 138 
DG  H21    H  N N 139 
DG  H22    H  N N 140 
HOH O      O  N N 141 
HOH H1     H  N N 142 
HOH H2     H  N N 143 
MG  MG     MG N N 144 
NA  NA     NA N N 145 
SPM N1     N  N N 146 
SPM C2     C  N N 147 
SPM C3     C  N N 148 
SPM C4     C  N N 149 
SPM N5     N  N N 150 
SPM C6     C  N N 151 
SPM C7     C  N N 152 
SPM C8     C  N N 153 
SPM C9     C  N N 154 
SPM N10    N  N N 155 
SPM C11    C  N N 156 
SPM C12    C  N N 157 
SPM C13    C  N N 158 
SPM N14    N  N N 159 
SPM HN11   H  N N 160 
SPM HN12   H  N N 161 
SPM H21    H  N N 162 
SPM H22    H  N N 163 
SPM H31    H  N N 164 
SPM H32    H  N N 165 
SPM H41    H  N N 166 
SPM H42    H  N N 167 
SPM HN5    H  N N 168 
SPM H61    H  N N 169 
SPM H62    H  N N 170 
SPM H71    H  N N 171 
SPM H72    H  N N 172 
SPM H81    H  N N 173 
SPM H82    H  N N 174 
SPM H91    H  N N 175 
SPM H92    H  N N 176 
SPM HN0    H  N N 177 
SPM H111   H  N N 178 
SPM H112   H  N N 179 
SPM H121   H  N N 180 
SPM H122   H  N N 181 
SPM H131   H  N N 182 
SPM H132   H  N N 183 
SPM HN41   H  N N 184 
SPM HN42   H  N N 185 
# 
loop_
_chem_comp_bond.comp_id 
_chem_comp_bond.atom_id_1 
_chem_comp_bond.atom_id_2 
_chem_comp_bond.value_order 
_chem_comp_bond.pdbx_aromatic_flag 
_chem_comp_bond.pdbx_stereo_config 
_chem_comp_bond.pdbx_ordinal 
BRU N1    C2     sing N N 1   
BRU N1    C6     sing N N 2   
BRU N1    "C1'"  sing N N 3   
BRU C2    N3     sing N N 4   
BRU C2    O2     doub N N 5   
BRU N3    C4     sing N N 6   
BRU N3    HN3    sing N N 7   
BRU C4    C5     sing N N 8   
BRU C4    O4     doub N N 9   
BRU C5    C6     doub N N 10  
BRU C5    BR     sing N N 11  
BRU C6    H6     sing N N 12  
BRU "C1'" "C2'"  sing N N 13  
BRU "C1'" "O4'"  sing N N 14  
BRU "C1'" "H1'"  sing N N 15  
BRU "C2'" "C3'"  sing N N 16  
BRU "C2'" "H2'"  sing N N 17  
BRU "C2'" "H2''" sing N N 18  
BRU "C3'" "C4'"  sing N N 19  
BRU "C3'" "O3'"  sing N N 20  
BRU "C3'" "H3'"  sing N N 21  
BRU "C4'" "O4'"  sing N N 22  
BRU "C4'" "C5'"  sing N N 23  
BRU "C4'" "H4'"  sing N N 24  
BRU "O3'" "HO3'" sing N N 25  
BRU "C5'" "O5'"  sing N N 26  
BRU "C5'" "H5'"  sing N N 27  
BRU "C5'" "H5''" sing N N 28  
BRU "O5'" P      sing N N 29  
BRU P     OP1    doub N N 30  
BRU P     OP2    sing N N 31  
BRU P     OP3    sing N N 32  
BRU OP2   HOP2   sing N N 33  
BRU OP3   HOP3   sing N N 34  
DA  OP3   P      sing N N 35  
DA  OP3   HOP3   sing N N 36  
DA  P     OP1    doub N N 37  
DA  P     OP2    sing N N 38  
DA  P     "O5'"  sing N N 39  
DA  OP2   HOP2   sing N N 40  
DA  "O5'" "C5'"  sing N N 41  
DA  "C5'" "C4'"  sing N N 42  
DA  "C5'" "H5'"  sing N N 43  
DA  "C5'" "H5''" sing N N 44  
DA  "C4'" "O4'"  sing N N 45  
DA  "C4'" "C3'"  sing N N 46  
DA  "C4'" "H4'"  sing N N 47  
DA  "O4'" "C1'"  sing N N 48  
DA  "C3'" "O3'"  sing N N 49  
DA  "C3'" "C2'"  sing N N 50  
DA  "C3'" "H3'"  sing N N 51  
DA  "O3'" "HO3'" sing N N 52  
DA  "C2'" "C1'"  sing N N 53  
DA  "C2'" "H2'"  sing N N 54  
DA  "C2'" "H2''" sing N N 55  
DA  "C1'" N9     sing N N 56  
DA  "C1'" "H1'"  sing N N 57  
DA  N9    C8     sing Y N 58  
DA  N9    C4     sing Y N 59  
DA  C8    N7     doub Y N 60  
DA  C8    H8     sing N N 61  
DA  N7    C5     sing Y N 62  
DA  C5    C6     sing Y N 63  
DA  C5    C4     doub Y N 64  
DA  C6    N6     sing N N 65  
DA  C6    N1     doub Y N 66  
DA  N6    H61    sing N N 67  
DA  N6    H62    sing N N 68  
DA  N1    C2     sing Y N 69  
DA  C2    N3     doub Y N 70  
DA  C2    H2     sing N N 71  
DA  N3    C4     sing Y N 72  
DC  OP3   P      sing N N 73  
DC  OP3   HOP3   sing N N 74  
DC  P     OP1    doub N N 75  
DC  P     OP2    sing N N 76  
DC  P     "O5'"  sing N N 77  
DC  OP2   HOP2   sing N N 78  
DC  "O5'" "C5'"  sing N N 79  
DC  "C5'" "C4'"  sing N N 80  
DC  "C5'" "H5'"  sing N N 81  
DC  "C5'" "H5''" sing N N 82  
DC  "C4'" "O4'"  sing N N 83  
DC  "C4'" "C3'"  sing N N 84  
DC  "C4'" "H4'"  sing N N 85  
DC  "O4'" "C1'"  sing N N 86  
DC  "C3'" "O3'"  sing N N 87  
DC  "C3'" "C2'"  sing N N 88  
DC  "C3'" "H3'"  sing N N 89  
DC  "O3'" "HO3'" sing N N 90  
DC  "C2'" "C1'"  sing N N 91  
DC  "C2'" "H2'"  sing N N 92  
DC  "C2'" "H2''" sing N N 93  
DC  "C1'" N1     sing N N 94  
DC  "C1'" "H1'"  sing N N 95  
DC  N1    C2     sing N N 96  
DC  N1    C6     sing N N 97  
DC  C2    O2     doub N N 98  
DC  C2    N3     sing N N 99  
DC  N3    C4     doub N N 100 
DC  C4    N4     sing N N 101 
DC  C4    C5     sing N N 102 
DC  N4    H41    sing N N 103 
DC  N4    H42    sing N N 104 
DC  C5    C6     doub N N 105 
DC  C5    H5     sing N N 106 
DC  C6    H6     sing N N 107 
DG  OP3   P      sing N N 108 
DG  OP3   HOP3   sing N N 109 
DG  P     OP1    doub N N 110 
DG  P     OP2    sing N N 111 
DG  P     "O5'"  sing N N 112 
DG  OP2   HOP2   sing N N 113 
DG  "O5'" "C5'"  sing N N 114 
DG  "C5'" "C4'"  sing N N 115 
DG  "C5'" "H5'"  sing N N 116 
DG  "C5'" "H5''" sing N N 117 
DG  "C4'" "O4'"  sing N N 118 
DG  "C4'" "C3'"  sing N N 119 
DG  "C4'" "H4'"  sing N N 120 
DG  "O4'" "C1'"  sing N N 121 
DG  "C3'" "O3'"  sing N N 122 
DG  "C3'" "C2'"  sing N N 123 
DG  "C3'" "H3'"  sing N N 124 
DG  "O3'" "HO3'" sing N N 125 
DG  "C2'" "C1'"  sing N N 126 
DG  "C2'" "H2'"  sing N N 127 
DG  "C2'" "H2''" sing N N 128 
DG  "C1'" N9     sing N N 129 
DG  "C1'" "H1'"  sing N N 130 
DG  N9    C8     sing Y N 131 
DG  N9    C4     sing Y N 132 
DG  C8    N7     doub Y N 133 
DG  C8    H8     sing N N 134 
DG  N7    C5     sing Y N 135 
DG  C5    C6     sing N N 136 
DG  C5    C4     doub Y N 137 
DG  C6    O6     doub N N 138 
DG  C6    N1     sing N N 139 
DG  N1    C2     sing N N 140 
DG  N1    H1     sing N N 141 
DG  C2    N2     sing N N 142 
DG  C2    N3     doub N N 143 
DG  N2    H21    sing N N 144 
DG  N2    H22    sing N N 145 
DG  N3    C4     sing N N 146 
HOH O     H1     sing N N 147 
HOH O     H2     sing N N 148 
SPM N1    C2     sing N N 149 
SPM N1    HN11   sing N N 150 
SPM N1    HN12   sing N N 151 
SPM C2    C3     sing N N 152 
SPM C2    H21    sing N N 153 
SPM C2    H22    sing N N 154 
SPM C3    C4     sing N N 155 
SPM C3    H31    sing N N 156 
SPM C3    H32    sing N N 157 
SPM C4    N5     sing N N 158 
SPM C4    H41    sing N N 159 
SPM C4    H42    sing N N 160 
SPM N5    C6     sing N N 161 
SPM N5    HN5    sing N N 162 
SPM C6    C7     sing N N 163 
SPM C6    H61    sing N N 164 
SPM C6    H62    sing N N 165 
SPM C7    C8     sing N N 166 
SPM C7    H71    sing N N 167 
SPM C7    H72    sing N N 168 
SPM C8    C9     sing N N 169 
SPM C8    H81    sing N N 170 
SPM C8    H82    sing N N 171 
SPM C9    N10    sing N N 172 
SPM C9    H91    sing N N 173 
SPM C9    H92    sing N N 174 
SPM N10   C11    sing N N 175 
SPM N10   HN0    sing N N 176 
SPM C11   C12    sing N N 177 
SPM C11   H111   sing N N 178 
SPM C11   H112   sing N N 179 
SPM C12   C13    sing N N 180 
SPM C12   H121   sing N N 181 
SPM C12   H122   sing N N 182 
SPM C13   N14    sing N N 183 
SPM C13   H131   sing N N 184 
SPM C13   H132   sing N N 185 
SPM N14   HN41   sing N N 186 
SPM N14   HN42   sing N N 187 
# 
loop_
_ndb_struct_conf_na.entry_id 
_ndb_struct_conf_na.feature 
1DCR 'double helix'         
1DCR 'b-form double helix'  
1DCR 'mismatched base pair' 
# 
loop_
_ndb_struct_na_base_pair.model_number 
_ndb_struct_na_base_pair.i_label_asym_id 
_ndb_struct_na_base_pair.i_label_comp_id 
_ndb_struct_na_base_pair.i_label_seq_id 
_ndb_struct_na_base_pair.i_symmetry 
_ndb_struct_na_base_pair.j_label_asym_id 
_ndb_struct_na_base_pair.j_label_comp_id 
_ndb_struct_na_base_pair.j_label_seq_id 
_ndb_struct_na_base_pair.j_symmetry 
_ndb_struct_na_base_pair.shear 
_ndb_struct_na_base_pair.stretch 
_ndb_struct_na_base_pair.stagger 
_ndb_struct_na_base_pair.buckle 
_ndb_struct_na_base_pair.propeller 
_ndb_struct_na_base_pair.opening 
_ndb_struct_na_base_pair.pair_number 
_ndb_struct_na_base_pair.pair_name 
_ndb_struct_na_base_pair.i_auth_asym_id 
_ndb_struct_na_base_pair.i_auth_seq_id 
_ndb_struct_na_base_pair.i_PDB_ins_code 
_ndb_struct_na_base_pair.j_auth_asym_id 
_ndb_struct_na_base_pair.j_auth_seq_id 
_ndb_struct_na_base_pair.j_PDB_ins_code 
_ndb_struct_na_base_pair.hbond_type_28 
_ndb_struct_na_base_pair.hbond_type_12 
1 A DC  2  1_555 B DG  9 1_555 0.162  -0.107 -0.101 -3.185  2.432  -3.243 1 A_DC2:DG19_B  A 2  ? B 19 ? 19 1 
1 A DG  3  1_555 B DA  8 1_555 6.718  -4.499 0.530  32.112  4.379  -3.230 2 A_DG3:DA18_B  A 3  ? B 18 ? 11 9 
1 A DA  4  1_555 B DG  7 1_555 -6.564 -4.428 0.543  -34.108 -7.028 4.071  3 A_DA4:DG17_B  A 4  ? B 17 ? 11 9 
1 A DA  5  1_555 B BRU 6 1_555 0.043  -0.058 -0.209 -1.458  8.583  0.694  4 A_DA5:BRU16_B A 5  ? B 16 ? 20 1 
1 A BRU 6  1_555 B DA  5 1_555 0.115  -0.066 0.002  3.541   5.731  -1.053 5 A_BRU6:DA15_B A 6  ? B 15 ? 20 1 
1 A DG  7  1_555 B DA  4 1_555 6.552  -4.081 1.122  40.713  -7.007 6.863  6 A_DG7:DA14_B  A 7  ? B 14 ? 11 9 
1 A DA  8  1_555 B DG  3 1_555 -6.531 -4.146 0.760  -37.797 1.738  5.816  7 A_DA8:DG13_B  A 8  ? B 13 ? 11 9 
1 A DG  9  1_555 B DC  2 1_555 -0.235 -0.200 -0.193 -2.291  6.023  -5.970 8 A_DG9:DC12_B  A 9  ? B 12 ? 19 1 
1 A DG  10 1_555 B DC  1 1_555 -0.078 -0.249 0.092  -0.916  -6.397 -5.662 9 A_DG10:DC11_B A 10 ? B 11 ? 19 1 
# 
loop_
_ndb_struct_na_base_pair_step.model_number 
_ndb_struct_na_base_pair_step.i_label_asym_id_1 
_ndb_struct_na_base_pair_step.i_label_comp_id_1 
_ndb_struct_na_base_pair_step.i_label_seq_id_1 
_ndb_struct_na_base_pair_step.i_symmetry_1 
_ndb_struct_na_base_pair_step.j_label_asym_id_1 
_ndb_struct_na_base_pair_step.j_label_comp_id_1 
_ndb_struct_na_base_pair_step.j_label_seq_id_1 
_ndb_struct_na_base_pair_step.j_symmetry_1 
_ndb_struct_na_base_pair_step.i_label_asym_id_2 
_ndb_struct_na_base_pair_step.i_label_comp_id_2 
_ndb_struct_na_base_pair_step.i_label_seq_id_2 
_ndb_struct_na_base_pair_step.i_symmetry_2 
_ndb_struct_na_base_pair_step.j_label_asym_id_2 
_ndb_struct_na_base_pair_step.j_label_comp_id_2 
_ndb_struct_na_base_pair_step.j_label_seq_id_2 
_ndb_struct_na_base_pair_step.j_symmetry_2 
_ndb_struct_na_base_pair_step.shift 
_ndb_struct_na_base_pair_step.slide 
_ndb_struct_na_base_pair_step.rise 
_ndb_struct_na_base_pair_step.tilt 
_ndb_struct_na_base_pair_step.roll 
_ndb_struct_na_base_pair_step.twist 
_ndb_struct_na_base_pair_step.x_displacement 
_ndb_struct_na_base_pair_step.y_displacement 
_ndb_struct_na_base_pair_step.helical_rise 
_ndb_struct_na_base_pair_step.inclination 
_ndb_struct_na_base_pair_step.tip 
_ndb_struct_na_base_pair_step.helical_twist 
_ndb_struct_na_base_pair_step.step_number 
_ndb_struct_na_base_pair_step.step_name 
_ndb_struct_na_base_pair_step.i_auth_asym_id_1 
_ndb_struct_na_base_pair_step.i_auth_seq_id_1 
_ndb_struct_na_base_pair_step.i_PDB_ins_code_1 
_ndb_struct_na_base_pair_step.j_auth_asym_id_1 
_ndb_struct_na_base_pair_step.j_auth_seq_id_1 
_ndb_struct_na_base_pair_step.j_PDB_ins_code_1 
_ndb_struct_na_base_pair_step.i_auth_asym_id_2 
_ndb_struct_na_base_pair_step.i_auth_seq_id_2 
_ndb_struct_na_base_pair_step.i_PDB_ins_code_2 
_ndb_struct_na_base_pair_step.j_auth_asym_id_2 
_ndb_struct_na_base_pair_step.j_auth_seq_id_2 
_ndb_struct_na_base_pair_step.j_PDB_ins_code_2 
1 A DC  2 1_555 B DG  9 1_555 A DG  3  1_555 B DA  8 1_555 0.388  1.687  2.959 -2.238 2.504  62.319 1.524  -0.467  3.004 2.418  
2.161   62.400 1 AA_DC2DG3:DA18DG19_BB   A 2 ? B 19 ? A 3  ? B 18 ? 
1 A DG  3 1_555 B DA  8 1_555 A DA  4  1_555 B DG  7 1_555 0.440  -1.071 4.946 -4.174 -1.316 -6.975 12.993 -14.479 4.243 9.664  
-30.650 -8.233 2 AA_DG3DA4:DG17DA18_BB   A 3 ? B 18 ? A 4  ? B 17 ? 
1 A DA  4 1_555 B DG  7 1_555 A DA  5  1_555 B BRU 6 1_555 -0.682 2.105  3.031 1.175  4.830  66.177 1.742  0.668   3.149 4.417  
-1.075  66.343 3 AA_DA4DA5:BRU16DG17_BB  A 4 ? B 17 ? A 5  ? B 16 ? 
1 A DA  5 1_555 B BRU 6 1_555 A BRU 6  1_555 B DA  5 1_555 0.169  -0.531 3.449 -1.189 -0.295 26.171 -1.088 -0.711  3.443 -0.652 
2.625   26.199 4 AA_DA5BRU6:DA15BRU16_BB A 5 ? B 16 ? A 6  ? B 15 ? 
1 A BRU 6 1_555 B DA  5 1_555 A DG  7  1_555 B DA  4 1_555 0.731  1.920  2.991 -2.157 6.187  65.508 1.532  -0.755  3.119 5.703  
1.988   65.798 5 AA_BRU6DG7:DA14DA15_BB  A 6 ? B 15 ? A 7  ? B 14 ? 
1 A DG  7 1_555 B DA  4 1_555 A DA  8  1_555 B DG  3 1_555 -0.211 -1.274 5.275 3.654  -6.241 -5.008 30.297 11.496  2.190 47.759 
27.959  -8.795 6 AA_DG7DA8:DG13DA14_BB   A 7 ? B 14 ? A 8  ? B 13 ? 
1 A DA  8 1_555 B DG  3 1_555 A DG  9  1_555 B DC  2 1_555 -0.163 1.962  2.878 1.156  5.975  58.876 1.710  0.218   3.043 6.061  
-1.173  59.161 7 AA_DA8DG9:DC12DG13_BB   A 8 ? B 13 ? A 9  ? B 12 ? 
1 A DG  9 1_555 B DC  2 1_555 A DG  10 1_555 B DC  1 1_555 -0.752 -0.021 3.506 -5.621 7.162  37.398 -1.002 0.381   3.515 10.971 
8.611   38.452 8 AA_DG9DG10:DC11DC12_BB  A 9 ? B 12 ? A 10 ? B 11 ? 
# 
loop_
_pdbx_entity_nonpoly.entity_id 
_pdbx_entity_nonpoly.name 
_pdbx_entity_nonpoly.comp_id 
2 SPERMINE        SPM 
3 'MAGNESIUM ION' MG  
4 'SODIUM ION'    NA  
5 water           HOH 
# 
_pdbx_initial_refinement_model.id               1 
_pdbx_initial_refinement_model.entity_id_list   ? 
_pdbx_initial_refinement_model.type             'experimental model' 
_pdbx_initial_refinement_model.source_name      PDB 
_pdbx_initial_refinement_model.accession_code   1D9R 
_pdbx_initial_refinement_model.details          'PDB STRUCTURE 1D9R' 
# 
